data_1WW7
#
_entry.id   1WW7
#
_cell.length_a   57.071
_cell.length_b   96.307
_cell.length_c   121.656
_cell.angle_alpha   90.00
_cell.angle_beta   90.00
_cell.angle_gamma   90.00
#
_symmetry.space_group_name_H-M   'P 21 21 21'
#
loop_
_entity.id
_entity.type
_entity.pdbx_description
1 polymer galectin
2 non-polymer 'SULFATE ION'
3 water water
#
_entity_poly.entity_id   1
_entity_poly.type   'polypeptide(L)'
_entity_poly.pdbx_seq_one_letter_code
;TTSAVNIYNISAGASVDLAAPVTTGDIVTFFSSALNLSAGAGSPNNTALNLLSENGAYLLHIAFRLQENVIVFNSRQPNA
PWLVEQRVSNVANQFIGSGGKAMVTVFDHGDKYQVVINEKTVIQYTKQISGTTSSLSYNSTEGTSIFSTVVEAVTYTGLA
;
_entity_poly.pdbx_strand_id   A,B,C,D
#
loop_
_chem_comp.id
_chem_comp.type
_chem_comp.name
_chem_comp.formula
SO4 non-polymer 'SULFATE ION' 'O4 S -2'
#
# COMPACT_ATOMS: atom_id res chain seq x y z
N THR A 1 -0.60 28.47 -2.77
CA THR A 1 -0.26 27.30 -3.64
C THR A 1 -0.33 25.99 -2.86
N THR A 2 -0.93 24.98 -3.47
CA THR A 2 -1.06 23.68 -2.83
C THR A 2 -0.31 22.61 -3.60
N SER A 3 0.73 22.04 -2.97
CA SER A 3 1.54 21.01 -3.58
C SER A 3 1.03 19.66 -3.14
N ALA A 4 1.54 18.59 -3.75
CA ALA A 4 1.08 17.26 -3.39
C ALA A 4 2.19 16.22 -3.33
N VAL A 5 1.98 15.21 -2.51
CA VAL A 5 2.92 14.12 -2.32
C VAL A 5 2.20 12.81 -2.64
N ASN A 6 2.78 12.01 -3.54
CA ASN A 6 2.20 10.73 -3.91
C ASN A 6 3.25 9.65 -3.74
N ILE A 7 2.85 8.53 -3.17
CA ILE A 7 3.76 7.42 -2.93
C ILE A 7 3.34 6.18 -3.72
N TYR A 8 4.32 5.53 -4.35
CA TYR A 8 4.07 4.33 -5.15
C TYR A 8 5.05 3.20 -4.85
N ASN A 9 4.54 1.98 -4.87
CA ASN A 9 5.38 0.80 -4.67
C ASN A 9 5.42 0.13 -6.03
N ILE A 10 6.58 0.21 -6.68
CA ILE A 10 6.75 -0.37 -8.01
C ILE A 10 7.51 -1.70 -7.98
N SER A 11 6.81 -2.78 -8.31
CA SER A 11 7.43 -4.09 -8.34
C SER A 11 8.20 -4.21 -9.65
N ALA A 12 9.23 -5.04 -9.66
CA ALA A 12 10.05 -5.23 -10.84
C ALA A 12 9.23 -5.81 -11.99
N GLY A 13 9.30 -5.15 -13.15
CA GLY A 13 8.57 -5.63 -14.31
C GLY A 13 7.22 -4.95 -14.48
N ALA A 14 6.89 -4.03 -13.59
CA ALA A 14 5.61 -3.35 -13.67
C ALA A 14 5.70 -1.90 -14.12
N SER A 15 4.54 -1.34 -14.45
CA SER A 15 4.40 0.05 -14.85
C SER A 15 3.31 0.61 -13.95
N VAL A 16 3.47 1.86 -13.52
CA VAL A 16 2.49 2.47 -12.64
C VAL A 16 1.97 3.77 -13.24
N ASP A 17 0.65 3.91 -13.24
CA ASP A 17 0.01 5.13 -13.75
C ASP A 17 -0.03 6.11 -12.59
N LEU A 18 0.44 7.33 -12.83
CA LEU A 18 0.48 8.33 -11.77
C LEU A 18 -0.89 8.95 -11.51
N ALA A 19 -1.20 9.15 -10.25
CA ALA A 19 -2.46 9.75 -9.84
C ALA A 19 -2.37 11.25 -10.09
N ALA A 20 -1.14 11.74 -10.17
CA ALA A 20 -0.87 13.15 -10.42
C ALA A 20 0.33 13.24 -11.36
N PRO A 21 0.12 13.76 -12.58
CA PRO A 21 1.20 13.88 -13.58
C PRO A 21 2.39 14.72 -13.14
N VAL A 22 3.55 14.37 -13.68
CA VAL A 22 4.80 15.06 -13.39
C VAL A 22 5.12 15.98 -14.56
N THR A 23 5.13 17.27 -14.30
CA THR A 23 5.42 18.25 -15.34
C THR A 23 6.54 19.19 -14.88
N THR A 24 6.81 20.22 -15.67
CA THR A 24 7.88 21.16 -15.38
C THR A 24 7.88 21.71 -13.95
N GLY A 25 9.00 21.52 -13.26
CA GLY A 25 9.14 22.00 -11.90
C GLY A 25 8.90 20.92 -10.86
N ASP A 26 8.34 19.78 -11.27
CA ASP A 26 8.05 18.69 -10.35
C ASP A 26 9.23 17.76 -10.13
N ILE A 27 9.11 16.86 -9.17
CA ILE A 27 10.18 15.94 -8.84
C ILE A 27 9.70 14.52 -8.63
N VAL A 28 10.56 13.57 -9.00
CA VAL A 28 10.25 12.16 -8.78
C VAL A 28 11.52 11.54 -8.20
N THR A 29 11.38 10.80 -7.10
CA THR A 29 12.52 10.16 -6.47
C THR A 29 12.26 8.66 -6.25
N PHE A 30 13.22 7.85 -6.70
CA PHE A 30 13.16 6.40 -6.56
C PHE A 30 14.02 5.95 -5.37
N PHE A 31 13.45 5.15 -4.48
CA PHE A 31 14.17 4.64 -3.32
C PHE A 31 14.35 3.12 -3.42
N SER A 32 15.59 2.66 -3.34
CA SER A 32 15.87 1.22 -3.38
C SER A 32 16.40 0.82 -2.00
N SER A 33 15.81 -0.22 -1.42
CA SER A 33 16.24 -0.67 -0.10
C SER A 33 17.37 -1.68 -0.21
N ALA A 34 18.02 -1.70 -1.37
CA ALA A 34 19.13 -2.62 -1.61
C ALA A 34 19.99 -2.12 -2.77
N LEU A 35 21.22 -2.60 -2.82
CA LEU A 35 22.13 -2.21 -3.89
C LEU A 35 22.96 -3.44 -4.24
N ASN A 36 22.66 -4.04 -5.38
CA ASN A 36 23.35 -5.24 -5.83
C ASN A 36 24.29 -4.98 -7.00
N LEU A 37 25.52 -4.57 -6.70
CA LEU A 37 26.51 -4.31 -7.73
C LEU A 37 27.57 -5.41 -7.73
N SER A 38 27.46 -6.31 -6.77
CA SER A 38 28.40 -7.42 -6.60
C SER A 38 28.81 -8.16 -7.87
N ALA A 39 27.92 -8.21 -8.86
CA ALA A 39 28.25 -8.89 -10.11
C ALA A 39 29.45 -8.17 -10.72
N GLY A 40 29.50 -6.86 -10.53
CA GLY A 40 30.61 -6.07 -11.03
C GLY A 40 30.59 -5.66 -12.50
N ALA A 41 31.53 -4.80 -12.85
CA ALA A 41 31.66 -4.31 -14.21
C ALA A 41 31.92 -5.46 -15.18
N GLY A 42 31.22 -5.45 -16.30
CA GLY A 42 31.40 -6.49 -17.29
C GLY A 42 30.43 -7.65 -17.17
N SER A 43 29.57 -7.63 -16.15
CA SER A 43 28.60 -8.70 -15.97
C SER A 43 27.33 -8.39 -16.76
N PRO A 44 26.56 -9.42 -17.16
CA PRO A 44 25.33 -9.25 -17.93
C PRO A 44 24.09 -8.94 -17.06
N ASN A 45 24.11 -7.77 -16.42
CA ASN A 45 23.00 -7.33 -15.58
C ASN A 45 22.64 -5.93 -16.01
N ASN A 46 21.37 -5.73 -16.37
CA ASN A 46 20.89 -4.44 -16.85
C ASN A 46 19.49 -4.16 -16.32
N THR A 47 19.35 -3.14 -15.47
CA THR A 47 18.04 -2.78 -14.93
C THR A 47 17.71 -1.39 -15.48
N ALA A 48 16.42 -1.12 -15.70
CA ALA A 48 16.00 0.17 -16.25
C ALA A 48 14.87 0.86 -15.49
N LEU A 49 14.85 2.19 -15.58
CA LEU A 49 13.82 3.03 -14.96
C LEU A 49 13.34 3.94 -16.08
N ASN A 50 12.03 4.06 -16.26
CA ASN A 50 11.47 4.88 -17.34
C ASN A 50 10.36 5.83 -16.94
N LEU A 51 10.35 7.00 -17.58
CA LEU A 51 9.33 8.01 -17.41
C LEU A 51 8.63 8.00 -18.76
N LEU A 52 7.33 7.72 -18.76
CA LEU A 52 6.56 7.62 -20.01
C LEU A 52 5.45 8.66 -20.14
N SER A 53 5.14 9.04 -21.38
CA SER A 53 4.08 10.02 -21.63
C SER A 53 2.77 9.25 -21.82
N GLU A 54 1.67 9.98 -21.93
CA GLU A 54 0.37 9.35 -22.10
C GLU A 54 0.25 8.63 -23.43
N ASN A 55 1.00 9.09 -24.43
CA ASN A 55 0.98 8.48 -25.75
C ASN A 55 1.91 7.26 -25.79
N GLY A 56 2.56 6.98 -24.67
CA GLY A 56 3.45 5.84 -24.60
C GLY A 56 4.89 6.10 -24.99
N ALA A 57 5.26 7.36 -25.18
CA ALA A 57 6.63 7.68 -25.55
C ALA A 57 7.55 7.58 -24.32
N TYR A 58 8.81 7.25 -24.55
CA TYR A 58 9.78 7.16 -23.46
C TYR A 58 10.47 8.51 -23.37
N LEU A 59 10.00 9.35 -22.44
CA LEU A 59 10.57 10.69 -22.25
C LEU A 59 11.97 10.55 -21.65
N LEU A 60 12.14 9.57 -20.77
CA LEU A 60 13.43 9.35 -20.18
C LEU A 60 13.59 7.87 -19.86
N HIS A 61 14.61 7.27 -20.47
CA HIS A 61 14.94 5.86 -20.28
C HIS A 61 16.29 5.86 -19.56
N ILE A 62 16.35 5.23 -18.39
CA ILE A 62 17.60 5.16 -17.64
C ILE A 62 18.02 3.72 -17.55
N ALA A 63 19.15 3.38 -18.17
CA ALA A 63 19.64 2.02 -18.16
C ALA A 63 20.99 1.86 -17.46
N PHE A 64 21.01 1.05 -16.42
CA PHE A 64 22.23 0.77 -15.68
C PHE A 64 22.81 -0.49 -16.28
N ARG A 65 23.77 -0.36 -17.18
CA ARG A 65 24.37 -1.51 -17.84
C ARG A 65 25.75 -1.89 -17.27
N LEU A 66 25.77 -2.88 -16.40
CA LEU A 66 27.02 -3.33 -15.79
C LEU A 66 27.96 -3.95 -16.81
N GLN A 67 27.40 -4.60 -17.84
CA GLN A 67 28.22 -5.25 -18.86
C GLN A 67 29.19 -4.28 -19.50
N GLU A 68 28.68 -3.14 -19.95
CA GLU A 68 29.49 -2.11 -20.58
C GLU A 68 29.97 -1.10 -19.53
N ASN A 69 29.55 -1.31 -18.28
CA ASN A 69 29.92 -0.43 -17.17
C ASN A 69 29.59 1.03 -17.46
N VAL A 70 28.34 1.27 -17.87
CA VAL A 70 27.90 2.62 -18.16
C VAL A 70 26.43 2.77 -17.79
N ILE A 71 26.00 4.02 -17.60
CA ILE A 71 24.61 4.30 -17.32
C ILE A 71 24.19 5.07 -18.56
N VAL A 72 23.17 4.58 -19.25
CA VAL A 72 22.70 5.23 -20.48
C VAL A 72 21.39 5.99 -20.30
N PHE A 73 21.27 7.09 -21.03
CA PHE A 73 20.09 7.93 -21.00
C PHE A 73 19.63 8.14 -22.43
N ASN A 74 18.36 7.88 -22.71
CA ASN A 74 17.85 8.06 -24.07
C ASN A 74 16.33 8.26 -24.08
N SER A 75 15.78 8.49 -25.27
CA SER A 75 14.35 8.69 -25.43
C SER A 75 13.90 8.08 -26.77
N ARG A 76 12.61 7.78 -26.89
CA ARG A 76 12.07 7.25 -28.15
C ARG A 76 10.55 7.33 -28.20
N GLN A 77 10.03 7.50 -29.41
CA GLN A 77 8.58 7.56 -29.62
C GLN A 77 8.07 6.13 -29.69
N PRO A 78 6.76 5.95 -29.56
CA PRO A 78 6.19 4.60 -29.62
C PRO A 78 6.44 3.98 -30.99
N ASN A 79 6.74 2.69 -31.02
CA ASN A 79 7.00 1.97 -32.27
C ASN A 79 8.06 2.63 -33.15
N ALA A 80 8.98 3.34 -32.52
CA ALA A 80 10.04 4.02 -33.25
C ALA A 80 11.40 3.64 -32.66
N PRO A 81 12.49 3.96 -33.38
CA PRO A 81 13.82 3.63 -32.87
C PRO A 81 14.34 4.58 -31.78
N TRP A 82 15.29 4.10 -30.98
CA TRP A 82 15.88 4.90 -29.93
C TRP A 82 16.63 6.06 -30.57
N LEU A 83 16.61 7.20 -29.90
CA LEU A 83 17.28 8.39 -30.43
C LEU A 83 18.75 8.45 -30.00
N VAL A 84 19.29 9.65 -29.84
CA VAL A 84 20.70 9.82 -29.46
C VAL A 84 20.94 9.51 -27.99
N GLU A 85 21.73 8.48 -27.72
CA GLU A 85 21.98 8.10 -26.32
C GLU A 85 23.14 8.84 -25.67
N GLN A 86 22.95 9.18 -24.40
CA GLN A 86 23.99 9.86 -23.61
C GLN A 86 24.50 8.84 -22.62
N ARG A 87 25.81 8.84 -22.37
CA ARG A 87 26.38 7.86 -21.45
C ARG A 87 27.25 8.46 -20.34
N VAL A 88 27.31 7.76 -19.22
CA VAL A 88 28.12 8.14 -18.07
C VAL A 88 28.86 6.88 -17.65
N SER A 89 30.18 6.89 -17.69
CA SER A 89 31.01 5.73 -17.34
C SER A 89 31.16 5.44 -15.85
N ASN A 90 31.44 4.18 -15.54
CA ASN A 90 31.65 3.71 -14.17
C ASN A 90 30.40 3.80 -13.31
N VAL A 91 29.62 2.73 -13.29
CA VAL A 91 28.38 2.67 -12.52
C VAL A 91 28.59 2.74 -11.01
N ALA A 92 29.45 1.88 -10.49
CA ALA A 92 29.72 1.82 -9.06
C ALA A 92 30.23 3.13 -8.48
N ASN A 93 30.96 3.89 -9.27
CA ASN A 93 31.50 5.17 -8.80
C ASN A 93 30.39 6.16 -8.47
N GLN A 94 29.30 6.14 -9.23
CA GLN A 94 28.20 7.08 -8.98
C GLN A 94 27.44 6.77 -7.69
N PHE A 95 27.56 5.52 -7.22
CA PHE A 95 26.85 5.09 -6.01
C PHE A 95 27.72 5.08 -4.76
N ILE A 96 28.97 5.52 -4.89
CA ILE A 96 29.92 5.51 -3.77
C ILE A 96 29.38 6.03 -2.44
N GLY A 97 28.54 7.05 -2.47
CA GLY A 97 28.00 7.55 -1.22
C GLY A 97 27.01 6.59 -0.57
N SER A 98 26.41 5.72 -1.39
CA SER A 98 25.43 4.74 -0.94
C SER A 98 25.88 3.85 0.21
N GLY A 99 25.38 2.62 0.22
CA GLY A 99 25.73 1.67 1.25
C GLY A 99 24.51 0.88 1.70
N GLY A 100 24.17 -0.16 0.93
CA GLY A 100 23.02 -0.98 1.27
C GLY A 100 21.71 -0.50 0.67
N LYS A 101 21.69 0.76 0.24
CA LYS A 101 20.50 1.34 -0.36
C LYS A 101 20.91 2.49 -1.26
N ALA A 102 19.94 3.05 -2.00
CA ALA A 102 20.24 4.15 -2.90
C ALA A 102 18.98 4.88 -3.32
N MET A 103 19.16 6.09 -3.83
CA MET A 103 18.03 6.85 -4.32
C MET A 103 18.42 7.55 -5.62
N VAL A 104 17.46 7.65 -6.53
CA VAL A 104 17.68 8.31 -7.83
C VAL A 104 16.60 9.39 -7.94
N THR A 105 17.03 10.63 -8.11
CA THR A 105 16.09 11.75 -8.20
C THR A 105 16.12 12.38 -9.59
N VAL A 106 14.95 12.60 -10.17
CA VAL A 106 14.86 13.23 -11.48
C VAL A 106 14.11 14.56 -11.34
N PHE A 107 14.78 15.65 -11.70
CA PHE A 107 14.18 16.98 -11.66
C PHE A 107 13.73 17.34 -13.08
N ASP A 108 12.46 17.68 -13.24
CA ASP A 108 11.98 18.08 -14.58
C ASP A 108 12.08 19.59 -14.66
N HIS A 109 13.12 20.07 -15.33
CA HIS A 109 13.35 21.49 -15.51
C HIS A 109 12.77 22.04 -16.80
N GLY A 110 11.79 21.33 -17.36
CA GLY A 110 11.16 21.78 -18.60
C GLY A 110 11.93 21.41 -19.86
N ASP A 111 13.05 22.09 -20.11
CA ASP A 111 13.85 21.82 -21.30
C ASP A 111 14.89 20.74 -21.05
N LYS A 112 15.08 20.37 -19.78
CA LYS A 112 16.05 19.34 -19.41
C LYS A 112 15.61 18.53 -18.19
N TYR A 113 16.20 17.35 -18.05
CA TYR A 113 15.96 16.45 -16.91
C TYR A 113 17.29 16.38 -16.15
N GLN A 114 17.28 16.71 -14.87
CA GLN A 114 18.50 16.65 -14.07
C GLN A 114 18.37 15.37 -13.26
N VAL A 115 19.35 14.48 -13.39
CA VAL A 115 19.31 13.21 -12.66
C VAL A 115 20.38 13.19 -11.57
N VAL A 116 19.98 12.77 -10.38
CA VAL A 116 20.89 12.73 -9.25
C VAL A 116 20.87 11.38 -8.56
N ILE A 117 22.04 10.81 -8.30
CA ILE A 117 22.14 9.54 -7.62
C ILE A 117 22.64 9.86 -6.21
N ASN A 118 21.76 9.66 -5.22
CA ASN A 118 22.06 9.99 -3.84
C ASN A 118 22.23 11.51 -3.82
N GLU A 119 23.44 12.00 -3.58
CA GLU A 119 23.67 13.46 -3.56
C GLU A 119 24.41 13.98 -4.80
N LYS A 120 24.78 13.08 -5.71
CA LYS A 120 25.55 13.45 -6.88
C LYS A 120 24.82 13.57 -8.22
N THR A 121 24.81 14.77 -8.78
CA THR A 121 24.18 14.98 -10.08
C THR A 121 25.06 14.27 -11.09
N VAL A 122 24.49 13.37 -11.87
CA VAL A 122 25.28 12.64 -12.85
C VAL A 122 25.08 13.12 -14.29
N ILE A 123 24.03 13.90 -14.51
CA ILE A 123 23.77 14.43 -15.85
C ILE A 123 22.65 15.47 -15.97
N GLN A 124 22.84 16.40 -16.89
CA GLN A 124 21.85 17.42 -17.23
C GLN A 124 21.49 16.96 -18.64
N TYR A 125 20.36 16.28 -18.75
CA TYR A 125 19.88 15.71 -20.01
C TYR A 125 18.94 16.60 -20.81
N THR A 126 19.40 17.12 -21.94
CA THR A 126 18.55 17.95 -22.79
C THR A 126 17.51 17.02 -23.36
N LYS A 127 16.24 17.38 -23.21
CA LYS A 127 15.15 16.53 -23.68
C LYS A 127 15.10 16.35 -25.19
N GLN A 128 14.86 15.11 -25.62
CA GLN A 128 14.76 14.80 -27.03
C GLN A 128 13.27 14.77 -27.40
N ILE A 129 12.43 14.60 -26.38
CA ILE A 129 10.98 14.59 -26.54
C ILE A 129 10.37 15.34 -25.36
N SER A 130 9.56 16.36 -25.64
CA SER A 130 8.93 17.15 -24.59
C SER A 130 7.61 16.52 -24.17
N GLY A 131 7.14 16.85 -22.97
CA GLY A 131 5.88 16.29 -22.52
C GLY A 131 5.75 15.98 -21.04
N THR A 132 4.55 15.59 -20.65
CA THR A 132 4.23 15.27 -19.28
C THR A 132 4.36 13.78 -18.99
N THR A 133 4.90 13.46 -17.82
CA THR A 133 5.07 12.07 -17.41
C THR A 133 3.79 11.64 -16.69
N SER A 134 3.16 10.58 -17.19
CA SER A 134 1.92 10.09 -16.58
C SER A 134 2.05 8.66 -16.11
N SER A 135 3.18 8.03 -16.44
CA SER A 135 3.41 6.63 -16.04
C SER A 135 4.91 6.35 -15.84
N LEU A 136 5.22 5.37 -14.98
CA LEU A 136 6.60 4.99 -14.69
C LEU A 136 6.75 3.48 -14.68
N SER A 137 7.85 2.99 -15.23
CA SER A 137 8.09 1.55 -15.23
C SER A 137 9.49 1.22 -14.73
N TYR A 138 9.62 0.01 -14.18
CA TYR A 138 10.87 -0.47 -13.64
C TYR A 138 11.02 -1.88 -14.18
N ASN A 139 11.97 -2.08 -15.09
CA ASN A 139 12.21 -3.37 -15.72
C ASN A 139 13.64 -3.89 -15.58
N SER A 140 13.76 -5.20 -15.45
CA SER A 140 15.07 -5.83 -15.36
C SER A 140 15.33 -6.44 -16.72
N THR A 141 15.94 -5.63 -17.59
CA THR A 141 16.27 -5.99 -18.97
C THR A 141 17.11 -7.25 -19.11
N GLU A 142 18.09 -7.43 -18.22
CA GLU A 142 18.97 -8.59 -18.25
C GLU A 142 19.45 -8.99 -16.86
N GLY A 143 19.67 -10.28 -16.66
CA GLY A 143 20.14 -10.76 -15.38
C GLY A 143 19.32 -10.32 -14.19
N THR A 144 20.00 -10.02 -13.08
CA THR A 144 19.32 -9.59 -11.87
C THR A 144 19.37 -8.08 -11.66
N SER A 145 18.34 -7.53 -11.03
CA SER A 145 18.26 -6.11 -10.79
C SER A 145 19.36 -5.63 -9.84
N ILE A 146 19.76 -4.37 -9.99
CA ILE A 146 20.77 -3.82 -9.09
C ILE A 146 20.05 -3.19 -7.90
N PHE A 147 18.71 -3.19 -7.96
CA PHE A 147 17.89 -2.63 -6.89
C PHE A 147 17.04 -3.72 -6.24
N SER A 148 16.28 -3.33 -5.23
CA SER A 148 15.38 -4.24 -4.52
C SER A 148 14.21 -4.64 -5.42
N THR A 149 13.61 -5.80 -5.14
CA THR A 149 12.48 -6.28 -5.94
C THR A 149 11.40 -5.21 -6.07
N VAL A 150 11.15 -4.49 -4.99
CA VAL A 150 10.17 -3.42 -5.03
C VAL A 150 10.87 -2.09 -4.80
N VAL A 151 10.61 -1.13 -5.66
CA VAL A 151 11.21 0.19 -5.54
C VAL A 151 10.11 1.16 -5.13
N GLU A 152 10.43 2.06 -4.19
CA GLU A 152 9.43 3.03 -3.74
C GLU A 152 9.66 4.34 -4.47
N ALA A 153 8.59 4.87 -5.06
CA ALA A 153 8.71 6.14 -5.78
C ALA A 153 7.83 7.18 -5.12
N VAL A 154 8.39 8.37 -4.97
CA VAL A 154 7.66 9.48 -4.36
C VAL A 154 7.74 10.65 -5.33
N THR A 155 6.59 11.24 -5.66
CA THR A 155 6.56 12.38 -6.57
C THR A 155 6.13 13.62 -5.81
N TYR A 156 6.71 14.75 -6.17
CA TYR A 156 6.40 16.04 -5.56
C TYR A 156 5.87 16.86 -6.73
N THR A 157 4.55 17.03 -6.76
CA THR A 157 3.90 17.77 -7.84
C THR A 157 3.19 19.04 -7.37
N GLY A 158 2.84 19.89 -8.33
CA GLY A 158 2.17 21.13 -8.01
C GLY A 158 3.14 22.11 -7.40
N LEU A 159 4.38 22.08 -7.85
CA LEU A 159 5.41 22.96 -7.32
C LEU A 159 5.56 24.29 -8.06
N ALA A 160 5.77 24.23 -9.37
CA ALA A 160 5.95 25.41 -10.19
C ALA A 160 4.90 26.49 -9.96
N THR B 1 -6.80 -22.35 15.64
CA THR B 1 -6.54 -21.57 16.89
C THR B 1 -6.09 -20.15 16.57
N THR B 2 -5.15 -20.01 15.63
CA THR B 2 -4.64 -18.70 15.23
C THR B 2 -4.41 -18.64 13.73
N SER B 3 -5.34 -18.01 13.03
CA SER B 3 -5.26 -17.88 11.58
C SER B 3 -4.70 -16.52 11.23
N ALA B 4 -4.40 -16.31 9.94
CA ALA B 4 -3.84 -15.04 9.51
C ALA B 4 -4.41 -14.54 8.20
N VAL B 5 -4.50 -13.22 8.09
CA VAL B 5 -4.98 -12.56 6.89
C VAL B 5 -3.82 -11.71 6.37
N ASN B 6 -3.55 -11.80 5.06
CA ASN B 6 -2.50 -11.01 4.44
C ASN B 6 -3.05 -10.38 3.18
N ILE B 7 -2.69 -9.12 2.93
CA ILE B 7 -3.18 -8.39 1.77
C ILE B 7 -2.03 -7.97 0.86
N TYR B 8 -2.19 -8.18 -0.44
CA TYR B 8 -1.14 -7.83 -1.42
C TYR B 8 -1.72 -7.09 -2.62
N ASN B 9 -0.96 -6.15 -3.17
CA ASN B 9 -1.39 -5.42 -4.37
C ASN B 9 -0.46 -5.85 -5.48
N ILE B 10 -1.01 -6.51 -6.50
CA ILE B 10 -0.20 -7.01 -7.61
C ILE B 10 -0.45 -6.27 -8.93
N SER B 11 0.57 -5.58 -9.42
CA SER B 11 0.45 -4.86 -10.68
C SER B 11 0.66 -5.86 -11.80
N ALA B 12 0.08 -5.59 -12.96
CA ALA B 12 0.21 -6.49 -14.11
C ALA B 12 1.68 -6.64 -14.49
N GLY B 13 2.13 -7.88 -14.64
CA GLY B 13 3.51 -8.14 -15.01
C GLY B 13 4.43 -8.45 -13.83
N ALA B 14 3.91 -8.37 -12.61
CA ALA B 14 4.74 -8.62 -11.44
C ALA B 14 4.49 -9.90 -10.68
N SER B 15 5.47 -10.27 -9.85
CA SER B 15 5.41 -11.45 -9.01
C SER B 15 5.54 -10.96 -7.58
N VAL B 16 4.86 -11.63 -6.65
CA VAL B 16 4.93 -11.25 -5.24
C VAL B 16 5.22 -12.47 -4.40
N ASP B 17 6.13 -12.33 -3.45
CA ASP B 17 6.47 -13.44 -2.55
C ASP B 17 5.56 -13.32 -1.34
N LEU B 18 4.89 -14.41 -0.97
CA LEU B 18 3.98 -14.39 0.16
C LEU B 18 4.66 -14.38 1.54
N ALA B 19 4.12 -13.56 2.44
CA ALA B 19 4.64 -13.46 3.80
C ALA B 19 4.25 -14.74 4.55
N ALA B 20 3.13 -15.33 4.16
CA ALA B 20 2.66 -16.56 4.77
C ALA B 20 2.34 -17.53 3.64
N PRO B 21 3.01 -18.69 3.61
CA PRO B 21 2.76 -19.67 2.55
C PRO B 21 1.36 -20.28 2.58
N VAL B 22 0.84 -20.56 1.39
CA VAL B 22 -0.46 -21.16 1.23
C VAL B 22 -0.33 -22.67 1.12
N THR B 23 -1.00 -23.41 1.99
CA THR B 23 -0.93 -24.87 1.96
C THR B 23 -2.32 -25.49 2.05
N THR B 24 -2.37 -26.80 2.27
CA THR B 24 -3.62 -27.53 2.38
C THR B 24 -4.55 -26.90 3.40
N GLY B 25 -5.76 -26.59 2.97
CA GLY B 25 -6.73 -25.96 3.85
C GLY B 25 -6.81 -24.44 3.72
N ASP B 26 -5.78 -23.83 3.13
CA ASP B 26 -5.76 -22.38 2.98
C ASP B 26 -6.50 -21.84 1.76
N ILE B 27 -6.65 -20.52 1.72
CA ILE B 27 -7.39 -19.86 0.65
C ILE B 27 -6.75 -18.58 0.13
N VAL B 28 -6.77 -18.41 -1.19
CA VAL B 28 -6.26 -17.18 -1.79
C VAL B 28 -7.37 -16.65 -2.70
N THR B 29 -7.66 -15.34 -2.61
CA THR B 29 -8.69 -14.73 -3.43
C THR B 29 -8.13 -13.50 -4.15
N PHE B 30 -8.39 -13.40 -5.45
CA PHE B 30 -7.94 -12.27 -6.26
C PHE B 30 -9.15 -11.37 -6.52
N PHE B 31 -8.99 -10.06 -6.32
CA PHE B 31 -10.06 -9.10 -6.55
C PHE B 31 -9.68 -8.18 -7.70
N SER B 32 -10.57 -8.04 -8.69
CA SER B 32 -10.32 -7.15 -9.83
C SER B 32 -11.39 -6.06 -9.77
N SER B 33 -10.96 -4.80 -9.91
CA SER B 33 -11.87 -3.67 -9.87
C SER B 33 -12.39 -3.30 -11.25
N ALA B 34 -12.21 -4.21 -12.20
CA ALA B 34 -12.66 -3.99 -13.58
C ALA B 34 -12.86 -5.33 -14.27
N LEU B 35 -13.65 -5.34 -15.33
CA LEU B 35 -13.90 -6.55 -16.11
C LEU B 35 -13.99 -6.15 -17.57
N ASN B 36 -12.93 -6.43 -18.33
CA ASN B 36 -12.88 -6.07 -19.75
C ASN B 36 -13.02 -7.27 -20.66
N LEU B 37 -14.26 -7.70 -20.91
CA LEU B 37 -14.51 -8.83 -21.78
C LEU B 37 -15.03 -8.30 -23.11
N SER B 38 -15.27 -7.00 -23.17
CA SER B 38 -15.79 -6.34 -24.37
C SER B 38 -15.15 -6.78 -25.69
N ALA B 39 -13.91 -7.25 -25.65
CA ALA B 39 -13.25 -7.72 -26.87
C ALA B 39 -14.05 -8.91 -27.41
N GLY B 40 -14.57 -9.71 -26.49
CA GLY B 40 -15.38 -10.87 -26.86
C GLY B 40 -14.61 -12.13 -27.24
N ALA B 41 -15.36 -13.22 -27.41
CA ALA B 41 -14.79 -14.50 -27.77
C ALA B 41 -14.11 -14.42 -29.13
N GLY B 42 -12.94 -15.05 -29.26
CA GLY B 42 -12.21 -15.02 -30.51
C GLY B 42 -11.19 -13.90 -30.60
N SER B 43 -11.18 -13.03 -29.60
CA SER B 43 -10.27 -11.89 -29.55
C SER B 43 -8.91 -12.31 -29.00
N PRO B 44 -7.81 -11.65 -29.45
CA PRO B 44 -6.44 -11.95 -29.02
C PRO B 44 -6.04 -11.34 -27.66
N ASN B 45 -6.72 -11.76 -26.60
CA ASN B 45 -6.44 -11.28 -25.25
C ASN B 45 -6.26 -12.44 -24.29
N ASN B 46 -5.10 -12.47 -23.64
CA ASN B 46 -4.73 -13.52 -22.70
C ASN B 46 -4.26 -12.92 -21.37
N THR B 47 -4.83 -13.40 -20.27
CA THR B 47 -4.47 -12.94 -18.94
C THR B 47 -4.19 -14.17 -18.10
N ALA B 48 -3.15 -14.11 -17.27
CA ALA B 48 -2.80 -15.25 -16.45
C ALA B 48 -2.59 -14.91 -14.98
N LEU B 49 -2.97 -15.85 -14.12
CA LEU B 49 -2.80 -15.73 -12.68
C LEU B 49 -2.08 -17.02 -12.32
N ASN B 50 -0.96 -16.90 -11.60
CA ASN B 50 -0.18 -18.08 -11.24
C ASN B 50 0.11 -18.26 -9.76
N LEU B 51 0.19 -19.52 -9.35
CA LEU B 51 0.55 -19.91 -7.98
C LEU B 51 1.85 -20.70 -8.17
N LEU B 52 2.94 -20.21 -7.60
CA LEU B 52 4.24 -20.88 -7.73
C LEU B 52 4.82 -21.46 -6.45
N SER B 53 5.65 -22.49 -6.58
CA SER B 53 6.29 -23.15 -5.44
C SER B 53 7.63 -22.51 -5.12
N GLU B 54 8.27 -22.97 -4.05
CA GLU B 54 9.56 -22.41 -3.65
C GLU B 54 10.67 -22.57 -4.68
N ASN B 55 10.58 -23.61 -5.51
CA ASN B 55 11.61 -23.81 -6.54
C ASN B 55 11.20 -23.29 -7.91
N GLY B 56 10.18 -22.43 -7.96
CA GLY B 56 9.74 -21.85 -9.22
C GLY B 56 8.81 -22.65 -10.11
N ALA B 57 8.26 -23.74 -9.60
CA ALA B 57 7.35 -24.55 -10.38
C ALA B 57 5.97 -23.89 -10.39
N TYR B 58 5.23 -24.08 -11.46
CA TYR B 58 3.88 -23.51 -11.56
C TYR B 58 2.90 -24.55 -11.01
N LEU B 59 2.55 -24.39 -9.74
CA LEU B 59 1.62 -25.29 -9.08
C LEU B 59 0.27 -25.21 -9.79
N LEU B 60 -0.15 -23.99 -10.08
CA LEU B 60 -1.40 -23.76 -10.78
C LEU B 60 -1.24 -22.55 -11.68
N HIS B 61 -1.57 -22.74 -12.96
CA HIS B 61 -1.49 -21.68 -13.96
C HIS B 61 -2.92 -21.49 -14.49
N ILE B 62 -3.47 -20.31 -14.31
CA ILE B 62 -4.83 -20.02 -14.78
C ILE B 62 -4.77 -19.01 -15.92
N ALA B 63 -5.10 -19.47 -17.13
CA ALA B 63 -5.05 -18.60 -18.30
C ALA B 63 -6.42 -18.37 -18.92
N PHE B 64 -6.81 -17.11 -19.01
CA PHE B 64 -8.09 -16.73 -19.60
C PHE B 64 -7.81 -16.39 -21.08
N ARG B 65 -8.16 -17.29 -21.99
CA ARG B 65 -7.89 -17.04 -23.40
C ARG B 65 -9.14 -16.73 -24.21
N LEU B 66 -9.41 -15.45 -24.39
CA LEU B 66 -10.59 -15.03 -25.15
C LEU B 66 -10.55 -15.49 -26.60
N GLN B 67 -9.36 -15.49 -27.19
CA GLN B 67 -9.20 -15.91 -28.58
C GLN B 67 -9.80 -17.27 -28.84
N GLU B 68 -9.58 -18.20 -27.91
CA GLU B 68 -10.10 -19.55 -28.04
C GLU B 68 -11.34 -19.68 -27.17
N ASN B 69 -11.74 -18.58 -26.54
CA ASN B 69 -12.90 -18.56 -25.66
C ASN B 69 -12.87 -19.71 -24.66
N VAL B 70 -11.76 -19.81 -23.94
CA VAL B 70 -11.60 -20.87 -22.96
C VAL B 70 -10.71 -20.42 -21.80
N ILE B 71 -10.91 -21.05 -20.65
CA ILE B 71 -10.10 -20.79 -19.47
C ILE B 71 -9.27 -22.05 -19.30
N VAL B 72 -7.95 -21.90 -19.35
CA VAL B 72 -7.04 -23.03 -19.23
C VAL B 72 -6.39 -23.17 -17.85
N PHE B 73 -6.28 -24.41 -17.40
CA PHE B 73 -5.65 -24.70 -16.12
C PHE B 73 -4.55 -25.72 -16.42
N ASN B 74 -3.35 -25.50 -15.87
CA ASN B 74 -2.23 -26.41 -16.11
C ASN B 74 -1.12 -26.20 -15.08
N SER B 75 -0.10 -27.05 -15.13
CA SER B 75 1.04 -26.97 -14.22
C SER B 75 2.34 -27.31 -14.96
N ARG B 76 3.48 -26.96 -14.38
CA ARG B 76 4.77 -27.28 -14.97
C ARG B 76 5.96 -27.03 -14.06
N GLN B 77 6.97 -27.89 -14.17
CA GLN B 77 8.18 -27.77 -13.39
C GLN B 77 8.98 -26.63 -13.98
N PRO B 78 9.95 -26.10 -13.21
CA PRO B 78 10.75 -24.99 -13.75
C PRO B 78 11.56 -25.49 -14.94
N ASN B 79 11.76 -24.64 -15.94
CA ASN B 79 12.52 -25.01 -17.13
C ASN B 79 12.13 -26.37 -17.70
N ALA B 80 10.83 -26.64 -17.72
CA ALA B 80 10.28 -27.89 -18.26
C ALA B 80 9.03 -27.49 -19.03
N PRO B 81 8.53 -28.36 -19.92
CA PRO B 81 7.33 -28.02 -20.69
C PRO B 81 6.03 -28.09 -19.88
N TRP B 82 4.97 -27.50 -20.44
CA TRP B 82 3.66 -27.50 -19.80
C TRP B 82 3.12 -28.93 -19.77
N LEU B 83 2.32 -29.25 -18.76
CA LEU B 83 1.77 -30.59 -18.64
C LEU B 83 0.40 -30.75 -19.30
N VAL B 84 -0.40 -31.69 -18.82
CA VAL B 84 -1.73 -31.94 -19.38
C VAL B 84 -2.69 -30.81 -18.98
N GLU B 85 -3.21 -30.09 -19.96
CA GLU B 85 -4.11 -28.98 -19.63
C GLU B 85 -5.59 -29.35 -19.57
N GLN B 86 -6.29 -28.70 -18.64
CA GLN B 86 -7.72 -28.87 -18.44
C GLN B 86 -8.34 -27.59 -18.95
N ARG B 87 -9.45 -27.69 -19.68
CA ARG B 87 -10.07 -26.49 -20.22
C ARG B 87 -11.55 -26.35 -19.89
N VAL B 88 -11.96 -25.12 -19.62
CA VAL B 88 -13.35 -24.80 -19.33
C VAL B 88 -13.77 -23.81 -20.41
N SER B 89 -14.78 -24.17 -21.18
CA SER B 89 -15.24 -23.32 -22.28
C SER B 89 -16.16 -22.17 -21.88
N ASN B 90 -16.22 -21.18 -22.77
CA ASN B 90 -17.04 -19.98 -22.60
C ASN B 90 -16.63 -19.15 -21.41
N VAL B 91 -15.80 -18.15 -21.67
CA VAL B 91 -15.27 -17.28 -20.63
C VAL B 91 -16.32 -16.36 -20.00
N ALA B 92 -17.09 -15.67 -20.84
CA ALA B 92 -18.11 -14.73 -20.35
C ALA B 92 -19.15 -15.40 -19.45
N ASN B 93 -19.52 -16.64 -19.76
CA ASN B 93 -20.50 -17.35 -18.96
C ASN B 93 -20.08 -17.50 -17.51
N GLN B 94 -18.79 -17.71 -17.27
CA GLN B 94 -18.27 -17.91 -15.93
C GLN B 94 -18.34 -16.64 -15.10
N PHE B 95 -18.35 -15.49 -15.78
CA PHE B 95 -18.39 -14.20 -15.12
C PHE B 95 -19.77 -13.58 -15.06
N ILE B 96 -20.79 -14.34 -15.44
CA ILE B 96 -22.16 -13.85 -15.43
C ILE B 96 -22.51 -13.41 -14.00
N GLY B 97 -23.07 -12.22 -13.88
CA GLY B 97 -23.40 -11.74 -12.54
C GLY B 97 -22.31 -10.85 -11.95
N SER B 98 -21.20 -10.71 -12.66
CA SER B 98 -20.08 -9.87 -12.21
C SER B 98 -20.54 -8.42 -12.17
N GLY B 99 -20.57 -7.79 -13.33
CA GLY B 99 -20.98 -6.40 -13.42
C GLY B 99 -19.90 -5.41 -12.99
N GLY B 100 -18.93 -5.15 -13.86
CA GLY B 100 -17.88 -4.20 -13.54
C GLY B 100 -16.68 -4.66 -12.73
N LYS B 101 -16.79 -5.79 -12.05
CA LYS B 101 -15.69 -6.30 -11.25
C LYS B 101 -15.80 -7.80 -11.09
N ALA B 102 -14.77 -8.43 -10.51
CA ALA B 102 -14.79 -9.87 -10.33
C ALA B 102 -13.83 -10.35 -9.27
N MET B 103 -13.99 -11.60 -8.86
CA MET B 103 -13.09 -12.19 -7.89
C MET B 103 -12.84 -13.65 -8.24
N VAL B 104 -11.60 -14.09 -8.04
CA VAL B 104 -11.22 -15.46 -8.33
C VAL B 104 -10.68 -16.09 -7.05
N THR B 105 -11.31 -17.17 -6.59
CA THR B 105 -10.86 -17.80 -5.36
C THR B 105 -10.28 -19.17 -5.66
N VAL B 106 -9.23 -19.51 -4.92
CA VAL B 106 -8.57 -20.79 -5.07
C VAL B 106 -8.49 -21.46 -3.69
N PHE B 107 -9.11 -22.64 -3.58
CA PHE B 107 -9.08 -23.40 -2.33
C PHE B 107 -8.05 -24.51 -2.55
N ASP B 108 -7.12 -24.66 -1.61
CA ASP B 108 -6.14 -25.72 -1.73
C ASP B 108 -6.65 -26.85 -0.84
N HIS B 109 -7.16 -27.91 -1.48
CA HIS B 109 -7.69 -29.06 -0.75
C HIS B 109 -6.74 -30.26 -0.72
N GLY B 110 -5.43 -30.00 -0.71
CA GLY B 110 -4.46 -31.07 -0.65
C GLY B 110 -4.22 -31.81 -1.96
N ASP B 111 -5.18 -32.63 -2.36
CA ASP B 111 -5.06 -33.38 -3.61
C ASP B 111 -5.61 -32.61 -4.80
N LYS B 112 -6.34 -31.54 -4.53
CA LYS B 112 -6.93 -30.74 -5.60
C LYS B 112 -7.02 -29.25 -5.27
N TYR B 113 -7.15 -28.45 -6.33
CA TYR B 113 -7.33 -27.00 -6.21
C TYR B 113 -8.77 -26.77 -6.66
N GLN B 114 -9.58 -26.12 -5.83
CA GLN B 114 -10.94 -25.83 -6.24
C GLN B 114 -10.92 -24.38 -6.66
N VAL B 115 -11.31 -24.10 -7.90
CA VAL B 115 -11.31 -22.74 -8.42
C VAL B 115 -12.73 -22.20 -8.51
N VAL B 116 -12.95 -21.02 -7.96
CA VAL B 116 -14.26 -20.39 -7.94
C VAL B 116 -14.21 -18.96 -8.48
N ILE B 117 -15.08 -18.65 -9.43
CA ILE B 117 -15.14 -17.30 -9.98
C ILE B 117 -16.44 -16.70 -9.43
N ASN B 118 -16.31 -15.62 -8.66
CA ASN B 118 -17.46 -14.98 -8.02
C ASN B 118 -18.05 -16.04 -7.09
N GLU B 119 -19.25 -16.53 -7.40
CA GLU B 119 -19.87 -17.56 -6.57
C GLU B 119 -19.89 -18.95 -7.25
N LYS B 120 -19.49 -18.98 -8.52
CA LYS B 120 -19.52 -20.22 -9.30
C LYS B 120 -18.23 -21.05 -9.34
N THR B 121 -18.31 -22.30 -8.87
CA THR B 121 -17.14 -23.17 -8.91
C THR B 121 -16.93 -23.56 -10.38
N VAL B 122 -15.75 -23.26 -10.91
CA VAL B 122 -15.43 -23.55 -12.30
C VAL B 122 -14.73 -24.89 -12.51
N ILE B 123 -13.98 -25.35 -11.53
CA ILE B 123 -13.28 -26.62 -11.69
C ILE B 123 -12.68 -27.18 -10.40
N GLN B 124 -12.59 -28.51 -10.34
CA GLN B 124 -11.97 -29.22 -9.24
C GLN B 124 -10.75 -29.79 -9.94
N TYR B 125 -9.64 -29.07 -9.83
CA TYR B 125 -8.39 -29.43 -10.49
C TYR B 125 -7.49 -30.40 -9.73
N THR B 126 -7.36 -31.61 -10.25
CA THR B 126 -6.49 -32.59 -9.61
C THR B 126 -5.09 -32.07 -9.86
N LYS B 127 -4.29 -31.99 -8.82
CA LYS B 127 -2.93 -31.48 -8.95
C LYS B 127 -2.03 -32.37 -9.79
N GLN B 128 -1.20 -31.74 -10.61
CA GLN B 128 -0.25 -32.46 -11.44
C GLN B 128 1.08 -32.38 -10.70
N ILE B 129 1.19 -31.36 -9.84
CA ILE B 129 2.38 -31.11 -9.04
C ILE B 129 1.92 -30.70 -7.64
N SER B 130 2.41 -31.42 -6.62
CA SER B 130 2.05 -31.12 -5.22
C SER B 130 3.04 -30.12 -4.65
N GLY B 131 2.68 -29.50 -3.54
CA GLY B 131 3.57 -28.53 -2.92
C GLY B 131 2.91 -27.29 -2.34
N THR B 132 3.69 -26.53 -1.58
CA THR B 132 3.22 -25.30 -0.94
C THR B 132 3.40 -24.09 -1.86
N THR B 133 2.42 -23.20 -1.87
CA THR B 133 2.50 -21.98 -2.69
C THR B 133 3.24 -20.89 -1.93
N SER B 134 4.30 -20.36 -2.51
CA SER B 134 5.11 -19.34 -1.87
C SER B 134 5.14 -17.99 -2.60
N SER B 135 4.69 -17.97 -3.85
CA SER B 135 4.65 -16.73 -4.60
C SER B 135 3.51 -16.76 -5.60
N LEU B 136 3.11 -15.59 -6.10
CA LEU B 136 2.01 -15.48 -7.05
C LEU B 136 2.32 -14.41 -8.08
N SER B 137 1.91 -14.64 -9.34
CA SER B 137 2.15 -13.67 -10.39
C SER B 137 0.90 -13.43 -11.22
N TYR B 138 0.85 -12.25 -11.83
CA TYR B 138 -0.26 -11.81 -12.65
C TYR B 138 0.40 -11.27 -13.92
N ASN B 139 0.19 -11.98 -15.02
CA ASN B 139 0.76 -11.60 -16.30
C ASN B 139 -0.29 -11.37 -17.39
N SER B 140 -0.01 -10.43 -18.29
CA SER B 140 -0.88 -10.15 -19.41
C SER B 140 -0.15 -10.76 -20.60
N THR B 141 -0.43 -12.02 -20.87
CA THR B 141 0.21 -12.75 -21.96
C THR B 141 0.00 -12.18 -23.35
N GLU B 142 -1.22 -11.79 -23.66
CA GLU B 142 -1.54 -11.26 -24.98
C GLU B 142 -2.56 -10.15 -24.90
N GLY B 143 -2.38 -9.13 -25.73
CA GLY B 143 -3.32 -8.02 -25.73
C GLY B 143 -3.49 -7.31 -24.40
N THR B 144 -4.72 -6.94 -24.10
CA THR B 144 -5.01 -6.24 -22.85
C THR B 144 -5.72 -7.13 -21.85
N SER B 145 -5.35 -6.95 -20.58
CA SER B 145 -5.90 -7.72 -19.48
C SER B 145 -7.42 -7.61 -19.37
N ILE B 146 -8.06 -8.68 -18.92
CA ILE B 146 -9.50 -8.65 -18.74
C ILE B 146 -9.78 -8.12 -17.33
N PHE B 147 -8.70 -7.91 -16.56
CA PHE B 147 -8.82 -7.39 -15.20
C PHE B 147 -8.20 -5.99 -15.10
N SER B 148 -8.33 -5.39 -13.92
CA SER B 148 -7.77 -4.06 -13.68
C SER B 148 -6.25 -4.13 -13.65
N THR B 149 -5.60 -3.00 -13.91
CA THR B 149 -4.13 -2.92 -13.93
C THR B 149 -3.53 -3.46 -12.64
N VAL B 150 -4.19 -3.20 -11.52
CA VAL B 150 -3.73 -3.69 -10.24
C VAL B 150 -4.81 -4.61 -9.69
N VAL B 151 -4.40 -5.79 -9.26
CA VAL B 151 -5.33 -6.76 -8.69
C VAL B 151 -4.95 -6.92 -7.22
N GLU B 152 -5.96 -6.97 -6.35
CA GLU B 152 -5.72 -7.12 -4.93
C GLU B 152 -5.87 -8.58 -4.57
N ALA B 153 -4.89 -9.11 -3.84
CA ALA B 153 -4.92 -10.51 -3.42
C ALA B 153 -4.97 -10.58 -1.91
N VAL B 154 -5.83 -11.46 -1.42
CA VAL B 154 -5.97 -11.65 0.02
C VAL B 154 -5.83 -13.13 0.29
N THR B 155 -4.98 -13.49 1.24
CA THR B 155 -4.82 -14.89 1.58
C THR B 155 -5.29 -15.13 3.01
N TYR B 156 -5.84 -16.31 3.23
CA TYR B 156 -6.31 -16.73 4.54
C TYR B 156 -5.52 -18.00 4.78
N THR B 157 -4.64 -17.97 5.78
CA THR B 157 -3.80 -19.12 6.08
C THR B 157 -3.90 -19.57 7.53
N GLY B 158 -3.29 -20.70 7.84
CA GLY B 158 -3.34 -21.22 9.19
C GLY B 158 -4.71 -21.72 9.58
N LEU B 159 -5.48 -22.15 8.58
CA LEU B 159 -6.81 -22.67 8.81
C LEU B 159 -6.70 -24.09 9.35
N ALA B 160 -5.66 -24.80 8.90
CA ALA B 160 -5.41 -26.18 9.33
C ALA B 160 -6.58 -27.10 9.00
N THR C 1 -14.36 -32.93 -1.22
CA THR C 1 -14.73 -31.76 -0.36
C THR C 1 -14.97 -30.52 -1.23
N THR C 2 -16.17 -29.95 -1.11
CA THR C 2 -16.51 -28.77 -1.89
C THR C 2 -16.85 -27.59 -0.99
N SER C 3 -16.05 -26.52 -1.10
CA SER C 3 -16.26 -25.31 -0.32
C SER C 3 -17.16 -24.38 -1.11
N ALA C 4 -17.52 -23.25 -0.51
CA ALA C 4 -18.40 -22.33 -1.19
C ALA C 4 -18.09 -20.87 -0.87
N VAL C 5 -18.37 -20.01 -1.84
CA VAL C 5 -18.17 -18.57 -1.71
C VAL C 5 -19.52 -17.90 -1.96
N ASN C 6 -19.92 -17.00 -1.07
CA ASN C 6 -21.17 -16.26 -1.22
C ASN C 6 -20.87 -14.78 -1.01
N ILE C 7 -21.45 -13.93 -1.85
CA ILE C 7 -21.21 -12.49 -1.78
C ILE C 7 -22.50 -11.76 -1.46
N TYR C 8 -22.43 -10.80 -0.53
CA TYR C 8 -23.59 -10.03 -0.10
C TYR C 8 -23.34 -8.54 -0.04
N ASN C 9 -24.35 -7.75 -0.42
CA ASN C 9 -24.26 -6.29 -0.35
C ASN C 9 -25.17 -5.87 0.81
N ILE C 10 -24.58 -5.39 1.90
CA ILE C 10 -25.35 -4.99 3.07
C ILE C 10 -25.43 -3.48 3.24
N SER C 11 -26.62 -2.93 3.09
CA SER C 11 -26.81 -1.49 3.25
C SER C 11 -27.01 -1.14 4.72
N ALA C 12 -26.56 0.04 5.10
CA ALA C 12 -26.68 0.50 6.47
C ALA C 12 -28.12 0.40 6.98
N GLY C 13 -28.29 -0.31 8.10
CA GLY C 13 -29.60 -0.47 8.69
C GLY C 13 -30.30 -1.76 8.30
N ALA C 14 -29.65 -2.57 7.48
CA ALA C 14 -30.25 -3.81 7.04
C ALA C 14 -29.69 -5.08 7.65
N SER C 15 -30.45 -6.16 7.51
CA SER C 15 -30.04 -7.47 7.98
C SER C 15 -30.08 -8.34 6.74
N VAL C 16 -29.22 -9.35 6.67
CA VAL C 16 -29.20 -10.22 5.50
C VAL C 16 -29.22 -11.66 5.94
N ASP C 17 -30.10 -12.45 5.32
CA ASP C 17 -30.18 -13.87 5.64
C ASP C 17 -29.18 -14.56 4.74
N LEU C 18 -28.30 -15.37 5.34
CA LEU C 18 -27.27 -16.06 4.56
C LEU C 18 -27.82 -17.24 3.78
N ALA C 19 -27.21 -17.53 2.63
CA ALA C 19 -27.64 -18.65 1.79
C ALA C 19 -26.94 -19.91 2.29
N ALA C 20 -25.79 -19.72 2.92
CA ALA C 20 -25.01 -20.82 3.47
C ALA C 20 -24.62 -20.43 4.89
N PRO C 21 -25.04 -21.23 5.88
CA PRO C 21 -24.71 -20.90 7.27
C PRO C 21 -23.22 -20.95 7.58
N VAL C 22 -22.78 -20.04 8.43
CA VAL C 22 -21.39 -19.94 8.86
C VAL C 22 -21.23 -20.72 10.17
N THR C 23 -20.45 -21.80 10.13
CA THR C 23 -20.25 -22.60 11.33
C THR C 23 -18.75 -22.78 11.61
N THR C 24 -18.43 -23.69 12.53
CA THR C 24 -17.05 -23.92 12.91
C THR C 24 -16.13 -24.17 11.72
N GLY C 25 -15.07 -23.38 11.62
CA GLY C 25 -14.12 -23.52 10.53
C GLY C 25 -14.35 -22.57 9.38
N ASP C 26 -15.51 -21.92 9.35
CA ASP C 26 -15.84 -20.98 8.27
C ASP C 26 -15.33 -19.57 8.51
N ILE C 27 -15.48 -18.70 7.50
CA ILE C 27 -14.99 -17.33 7.58
C ILE C 27 -15.94 -16.32 6.93
N VAL C 28 -16.00 -15.13 7.51
CA VAL C 28 -16.81 -14.05 6.94
C VAL C 28 -15.95 -12.79 6.98
N THR C 29 -15.91 -12.08 5.85
CA THR C 29 -15.16 -10.84 5.76
C THR C 29 -16.04 -9.71 5.26
N PHE C 30 -15.94 -8.56 5.91
CA PHE C 30 -16.70 -7.36 5.57
C PHE C 30 -15.74 -6.40 4.87
N PHE C 31 -16.16 -5.83 3.73
CA PHE C 31 -15.35 -4.88 3.00
C PHE C 31 -16.04 -3.52 2.96
N SER C 32 -15.34 -2.49 3.42
CA SER C 32 -15.89 -1.13 3.39
C SER C 32 -15.05 -0.32 2.42
N SER C 33 -15.71 0.37 1.50
CA SER C 33 -15.01 1.16 0.50
C SER C 33 -14.74 2.58 1.01
N ALA C 34 -14.76 2.73 2.32
CA ALA C 34 -14.50 4.03 2.94
C ALA C 34 -14.29 3.89 4.44
N LEU C 35 -13.49 4.78 4.99
CA LEU C 35 -13.21 4.77 6.42
C LEU C 35 -13.40 6.21 6.89
N ASN C 36 -14.43 6.44 7.69
CA ASN C 36 -14.74 7.77 8.18
C ASN C 36 -14.49 7.88 9.68
N LEU C 37 -13.28 8.30 10.03
CA LEU C 37 -12.90 8.45 11.43
C LEU C 37 -12.65 9.92 11.75
N SER C 38 -12.94 10.80 10.79
CA SER C 38 -12.71 12.23 10.98
C SER C 38 -13.25 12.77 12.30
N ALA C 39 -14.50 12.41 12.62
CA ALA C 39 -15.13 12.86 13.86
C ALA C 39 -14.15 12.82 15.02
N GLY C 40 -13.35 11.74 15.09
CA GLY C 40 -12.35 11.61 16.13
C GLY C 40 -12.82 11.00 17.44
N ALA C 41 -11.86 10.63 18.28
CA ALA C 41 -12.15 10.04 19.58
C ALA C 41 -12.97 11.01 20.42
N GLY C 42 -13.97 10.49 21.14
CA GLY C 42 -14.80 11.33 21.98
C GLY C 42 -16.01 11.91 21.26
N SER C 43 -16.16 11.58 19.99
CA SER C 43 -17.29 12.07 19.19
C SER C 43 -18.42 11.06 19.35
N PRO C 44 -19.68 11.51 19.20
CA PRO C 44 -20.85 10.64 19.32
C PRO C 44 -21.21 9.80 18.10
N ASN C 45 -20.31 8.88 17.71
CA ASN C 45 -20.56 8.01 16.57
C ASN C 45 -20.38 6.56 17.00
N ASN C 46 -21.38 5.74 16.70
CA ASN C 46 -21.38 4.33 17.09
C ASN C 46 -21.89 3.47 15.93
N THR C 47 -21.04 2.58 15.43
CA THR C 47 -21.39 1.69 14.32
C THR C 47 -21.25 0.23 14.76
N ALA C 48 -22.19 -0.61 14.35
CA ALA C 48 -22.13 -2.01 14.73
C ALA C 48 -22.26 -3.01 13.58
N LEU C 49 -21.69 -4.19 13.79
CA LEU C 49 -21.71 -5.31 12.86
C LEU C 49 -22.16 -6.48 13.72
N ASN C 50 -23.15 -7.24 13.24
CA ASN C 50 -23.65 -8.35 14.02
C ASN C 50 -23.74 -9.70 13.30
N LEU C 51 -23.48 -10.77 14.05
CA LEU C 51 -23.60 -12.14 13.55
C LEU C 51 -24.74 -12.72 14.41
N LEU C 52 -25.82 -13.15 13.77
CA LEU C 52 -26.99 -13.67 14.47
C LEU C 52 -27.26 -15.15 14.24
N SER C 53 -27.91 -15.79 15.21
CA SER C 53 -28.26 -17.20 15.11
C SER C 53 -29.66 -17.27 14.51
N GLU C 54 -30.12 -18.48 14.17
CA GLU C 54 -31.44 -18.60 13.57
C GLU C 54 -32.54 -18.24 14.58
N ASN C 55 -32.23 -18.38 15.86
CA ASN C 55 -33.19 -18.06 16.90
C ASN C 55 -33.19 -16.56 17.25
N GLY C 56 -32.38 -15.78 16.55
CA GLY C 56 -32.33 -14.35 16.79
C GLY C 56 -31.34 -13.89 17.86
N ALA C 57 -30.48 -14.79 18.30
CA ALA C 57 -29.49 -14.44 19.32
C ALA C 57 -28.29 -13.74 18.67
N TYR C 58 -27.67 -12.82 19.40
CA TYR C 58 -26.50 -12.12 18.90
C TYR C 58 -25.26 -12.93 19.31
N LEU C 59 -24.81 -13.81 18.40
CA LEU C 59 -23.64 -14.65 18.65
C LEU C 59 -22.42 -13.76 18.89
N LEU C 60 -22.33 -12.70 18.08
CA LEU C 60 -21.23 -11.75 18.20
C LEU C 60 -21.69 -10.36 17.76
N HIS C 61 -21.55 -9.40 18.68
CA HIS C 61 -21.93 -8.00 18.44
C HIS C 61 -20.63 -7.19 18.49
N ILE C 62 -20.37 -6.44 17.41
CA ILE C 62 -19.16 -5.63 17.33
C ILE C 62 -19.53 -4.16 17.23
N ALA C 63 -19.24 -3.40 18.27
CA ALA C 63 -19.57 -1.99 18.29
C ALA C 63 -18.32 -1.11 18.28
N PHE C 64 -18.24 -0.22 17.29
CA PHE C 64 -17.11 0.69 17.20
C PHE C 64 -17.57 2.00 17.82
N ARG C 65 -17.25 2.20 19.09
CA ARG C 65 -17.66 3.40 19.82
C ARG C 65 -16.57 4.48 19.96
N LEU C 66 -16.65 5.49 19.09
CA LEU C 66 -15.68 6.58 19.12
C LEU C 66 -15.76 7.44 20.38
N GLN C 67 -16.99 7.66 20.87
CA GLN C 67 -17.19 8.46 22.08
C GLN C 67 -16.28 8.02 23.21
N GLU C 68 -16.26 6.72 23.50
CA GLU C 68 -15.40 6.19 24.56
C GLU C 68 -14.07 5.72 23.95
N ASN C 69 -13.99 5.81 22.62
CA ASN C 69 -12.80 5.40 21.87
C ASN C 69 -12.41 3.94 22.12
N VAL C 70 -13.36 3.03 21.92
CA VAL C 70 -13.11 1.60 22.14
C VAL C 70 -13.96 0.77 21.16
N ILE C 71 -13.60 -0.51 21.04
CA ILE C 71 -14.33 -1.44 20.21
C ILE C 71 -14.84 -2.50 21.18
N VAL C 72 -16.16 -2.66 21.24
CA VAL C 72 -16.75 -3.63 22.15
C VAL C 72 -17.18 -4.93 21.47
N PHE C 73 -17.11 -6.02 22.22
CA PHE C 73 -17.50 -7.33 21.73
C PHE C 73 -18.41 -7.95 22.78
N ASN C 74 -19.60 -8.39 22.39
CA ASN C 74 -20.54 -8.97 23.35
C ASN C 74 -21.52 -9.92 22.65
N SER C 75 -22.41 -10.50 23.44
CA SER C 75 -23.42 -11.42 22.92
C SER C 75 -24.69 -11.26 23.76
N ARG C 76 -25.78 -11.88 23.33
CA ARG C 76 -27.03 -11.84 24.09
C ARG C 76 -28.11 -12.71 23.47
N GLN C 77 -29.00 -13.21 24.31
CA GLN C 77 -30.11 -14.02 23.87
C GLN C 77 -31.24 -13.06 23.53
N PRO C 78 -32.15 -13.46 22.65
CA PRO C 78 -33.25 -12.54 22.32
C PRO C 78 -34.11 -12.31 23.58
N ASN C 79 -34.59 -11.08 23.74
CA ASN C 79 -35.41 -10.73 24.89
C ASN C 79 -34.65 -10.87 26.21
N ALA C 80 -33.33 -10.71 26.14
CA ALA C 80 -32.48 -10.82 27.32
C ALA C 80 -31.45 -9.69 27.33
N PRO C 81 -30.86 -9.39 28.50
CA PRO C 81 -29.86 -8.33 28.57
C PRO C 81 -28.50 -8.72 27.98
N TRP C 82 -27.70 -7.72 27.64
CA TRP C 82 -26.36 -7.96 27.11
C TRP C 82 -25.54 -8.71 28.15
N LEU C 83 -24.63 -9.55 27.69
CA LEU C 83 -23.79 -10.32 28.59
C LEU C 83 -22.49 -9.58 28.94
N VAL C 84 -21.43 -10.31 29.28
CA VAL C 84 -20.16 -9.68 29.66
C VAL C 84 -19.37 -9.16 28.46
N GLU C 85 -19.28 -7.83 28.34
CA GLU C 85 -18.56 -7.27 27.21
C GLU C 85 -17.04 -7.24 27.34
N GLN C 86 -16.36 -7.37 26.20
CA GLN C 86 -14.92 -7.32 26.12
C GLN C 86 -14.64 -6.06 25.30
N ARG C 87 -13.54 -5.36 25.57
CA ARG C 87 -13.26 -4.16 24.81
C ARG C 87 -11.79 -3.96 24.46
N VAL C 88 -11.55 -3.28 23.34
CA VAL C 88 -10.21 -2.98 22.85
C VAL C 88 -10.13 -1.46 22.75
N SER C 89 -9.13 -0.87 23.39
CA SER C 89 -8.98 0.58 23.40
C SER C 89 -8.37 1.17 22.13
N ASN C 90 -8.77 2.41 21.84
CA ASN C 90 -8.27 3.17 20.70
C ASN C 90 -8.67 2.60 19.34
N VAL C 91 -9.79 3.10 18.79
CA VAL C 91 -10.28 2.63 17.51
C VAL C 91 -9.37 2.92 16.31
N ALA C 92 -8.97 4.18 16.14
CA ALA C 92 -8.12 4.57 15.03
C ALA C 92 -6.82 3.76 14.90
N ASN C 93 -6.26 3.35 16.03
CA ASN C 93 -5.02 2.59 16.02
C ASN C 93 -5.14 1.22 15.38
N GLN C 94 -6.33 0.62 15.44
CA GLN C 94 -6.52 -0.69 14.85
C GLN C 94 -6.61 -0.62 13.34
N PHE C 95 -6.96 0.56 12.82
CA PHE C 95 -7.11 0.76 11.38
C PHE C 95 -5.89 1.27 10.63
N ILE C 96 -4.82 1.56 11.36
CA ILE C 96 -3.58 2.05 10.74
C ILE C 96 -3.22 1.13 9.58
N GLY C 97 -2.94 1.72 8.42
CA GLY C 97 -2.59 0.90 7.27
C GLY C 97 -3.76 0.73 6.32
N SER C 98 -4.91 1.29 6.68
CA SER C 98 -6.11 1.22 5.85
C SER C 98 -5.92 2.07 4.61
N GLY C 99 -6.33 3.33 4.71
CA GLY C 99 -6.20 4.24 3.58
C GLY C 99 -7.41 4.30 2.67
N GLY C 100 -8.50 4.87 3.16
CA GLY C 100 -9.70 5.01 2.34
C GLY C 100 -10.61 3.80 2.25
N LYS C 101 -10.27 2.72 2.95
CA LYS C 101 -11.08 1.51 2.93
C LYS C 101 -10.61 0.57 4.03
N ALA C 102 -11.43 -0.41 4.37
CA ALA C 102 -11.04 -1.35 5.43
C ALA C 102 -11.74 -2.69 5.31
N MET C 103 -11.21 -3.69 5.99
CA MET C 103 -11.85 -4.99 5.98
C MET C 103 -11.80 -5.59 7.37
N VAL C 104 -12.90 -6.21 7.78
CA VAL C 104 -13.00 -6.84 9.09
C VAL C 104 -13.30 -8.31 8.83
N THR C 105 -12.45 -9.18 9.34
CA THR C 105 -12.62 -10.62 9.15
C THR C 105 -12.91 -11.33 10.45
N VAL C 106 -13.80 -12.30 10.41
CA VAL C 106 -14.15 -13.08 11.58
C VAL C 106 -13.94 -14.58 11.30
N PHE C 107 -13.10 -15.23 12.09
CA PHE C 107 -12.88 -16.67 11.93
C PHE C 107 -13.67 -17.36 13.04
N ASP C 108 -14.50 -18.33 12.68
CA ASP C 108 -15.25 -19.07 13.68
C ASP C 108 -14.44 -20.33 13.99
N HIS C 109 -13.77 -20.34 15.14
CA HIS C 109 -12.95 -21.47 15.57
C HIS C 109 -13.68 -22.39 16.55
N GLY C 110 -15.01 -22.42 16.49
CA GLY C 110 -15.77 -23.28 17.38
C GLY C 110 -15.98 -22.71 18.78
N ASP C 111 -14.93 -22.72 19.59
CA ASP C 111 -15.01 -22.21 20.95
C ASP C 111 -14.74 -20.70 21.04
N LYS C 112 -14.15 -20.14 19.99
CA LYS C 112 -13.85 -18.71 19.96
C LYS C 112 -14.01 -18.10 18.56
N TYR C 113 -14.15 -16.77 18.53
CA TYR C 113 -14.26 -16.01 17.30
C TYR C 113 -13.00 -15.15 17.25
N GLN C 114 -12.24 -15.25 16.16
CA GLN C 114 -11.02 -14.45 16.01
C GLN C 114 -11.37 -13.30 15.11
N VAL C 115 -11.26 -12.08 15.62
CA VAL C 115 -11.58 -10.89 14.84
C VAL C 115 -10.31 -10.18 14.39
N VAL C 116 -10.19 -9.98 13.09
CA VAL C 116 -9.03 -9.35 12.49
C VAL C 116 -9.40 -8.11 11.68
N ILE C 117 -8.75 -7.00 11.98
CA ILE C 117 -9.00 -5.77 11.23
C ILE C 117 -7.83 -5.61 10.29
N ASN C 118 -8.12 -5.58 8.99
CA ASN C 118 -7.09 -5.51 7.95
C ASN C 118 -6.20 -6.74 8.14
N GLU C 119 -4.97 -6.56 8.63
CA GLU C 119 -4.08 -7.71 8.86
C GLU C 119 -3.80 -7.96 10.34
N LYS C 120 -4.35 -7.11 11.20
CA LYS C 120 -4.12 -7.19 12.64
C LYS C 120 -5.25 -7.82 13.46
N THR C 121 -4.91 -8.89 14.18
CA THR C 121 -5.86 -9.58 15.04
C THR C 121 -6.04 -8.71 16.30
N VAL C 122 -7.28 -8.32 16.60
CA VAL C 122 -7.55 -7.47 17.76
C VAL C 122 -8.14 -8.20 18.94
N ILE C 123 -8.62 -9.43 18.74
CA ILE C 123 -9.16 -10.18 19.86
C ILE C 123 -9.49 -11.63 19.52
N GLN C 124 -9.34 -12.48 20.53
CA GLN C 124 -9.68 -13.90 20.44
C GLN C 124 -10.84 -13.93 21.43
N TYR C 125 -12.05 -13.78 20.89
CA TYR C 125 -13.26 -13.73 21.71
C TYR C 125 -13.83 -15.09 22.09
N THR C 126 -13.78 -15.42 23.37
CA THR C 126 -14.34 -16.68 23.84
C THR C 126 -15.84 -16.53 23.74
N LYS C 127 -16.49 -17.47 23.06
CA LYS C 127 -17.93 -17.40 22.86
C LYS C 127 -18.77 -17.47 24.13
N GLN C 128 -19.76 -16.58 24.23
CA GLN C 128 -20.65 -16.58 25.37
C GLN C 128 -21.88 -17.41 25.01
N ILE C 129 -22.11 -17.55 23.70
CA ILE C 129 -23.22 -18.33 23.17
C ILE C 129 -22.72 -19.08 21.94
N SER C 130 -22.90 -20.40 21.93
CA SER C 130 -22.47 -21.23 20.82
C SER C 130 -23.56 -21.33 19.76
N GLY C 131 -23.18 -21.60 18.52
CA GLY C 131 -24.18 -21.71 17.47
C GLY C 131 -23.76 -21.27 16.09
N THR C 132 -24.63 -21.54 15.14
CA THR C 132 -24.41 -21.25 13.73
C THR C 132 -24.96 -19.85 13.36
N THR C 133 -24.20 -19.11 12.56
CA THR C 133 -24.62 -17.78 12.12
C THR C 133 -25.45 -17.92 10.83
N SER C 134 -26.63 -17.31 10.80
CA SER C 134 -27.49 -17.40 9.62
C SER C 134 -27.90 -16.04 9.09
N SER C 135 -27.60 -14.99 9.84
CA SER C 135 -27.93 -13.64 9.44
C SER C 135 -26.87 -12.67 9.93
N LEU C 136 -26.68 -11.58 9.19
CA LEU C 136 -25.73 -10.53 9.53
C LEU C 136 -26.44 -9.20 9.39
N SER C 137 -26.09 -8.25 10.26
CA SER C 137 -26.70 -6.93 10.19
C SER C 137 -25.62 -5.87 10.34
N TYR C 138 -25.91 -4.69 9.79
CA TYR C 138 -25.01 -3.56 9.79
C TYR C 138 -25.87 -2.35 10.16
N ASN C 139 -25.71 -1.88 11.40
CA ASN C 139 -26.51 -0.76 11.92
C ASN C 139 -25.67 0.43 12.39
N SER C 140 -26.24 1.63 12.24
CA SER C 140 -25.59 2.86 12.67
C SER C 140 -26.30 3.28 13.95
N THR C 141 -25.79 2.80 15.08
CA THR C 141 -26.35 3.08 16.39
C THR C 141 -26.46 4.57 16.73
N GLU C 142 -25.44 5.35 16.40
CA GLU C 142 -25.43 6.78 16.70
C GLU C 142 -24.60 7.58 15.70
N GLY C 143 -25.05 8.79 15.39
CA GLY C 143 -24.34 9.65 14.48
C GLY C 143 -24.21 9.08 13.08
N THR C 144 -23.03 9.24 12.49
CA THR C 144 -22.77 8.73 11.15
C THR C 144 -21.78 7.58 11.18
N SER C 145 -21.94 6.66 10.21
CA SER C 145 -21.12 5.48 10.11
C SER C 145 -19.64 5.72 9.81
N ILE C 146 -18.78 4.83 10.33
CA ILE C 146 -17.35 4.95 10.07
C ILE C 146 -17.05 4.20 8.77
N PHE C 147 -18.03 3.44 8.26
CA PHE C 147 -17.86 2.68 7.02
C PHE C 147 -18.71 3.27 5.89
N SER C 148 -18.59 2.67 4.71
CA SER C 148 -19.34 3.11 3.53
C SER C 148 -20.84 2.75 3.69
N THR C 149 -21.69 3.47 2.98
CA THR C 149 -23.14 3.25 3.05
C THR C 149 -23.50 1.79 2.78
N VAL C 150 -22.75 1.16 1.88
CA VAL C 150 -22.98 -0.24 1.56
C VAL C 150 -21.69 -1.00 1.84
N VAL C 151 -21.78 -2.02 2.68
CA VAL C 151 -20.61 -2.83 3.02
C VAL C 151 -20.76 -4.18 2.31
N GLU C 152 -19.70 -4.60 1.64
CA GLU C 152 -19.71 -5.86 0.91
C GLU C 152 -19.22 -6.97 1.83
N ALA C 153 -19.99 -8.05 1.93
CA ALA C 153 -19.61 -9.17 2.78
C ALA C 153 -19.39 -10.42 1.95
N VAL C 154 -18.38 -11.20 2.31
CA VAL C 154 -18.06 -12.42 1.61
C VAL C 154 -17.88 -13.53 2.64
N THR C 155 -18.48 -14.68 2.39
CA THR C 155 -18.36 -15.81 3.31
C THR C 155 -17.70 -16.98 2.61
N TYR C 156 -16.92 -17.72 3.37
CA TYR C 156 -16.21 -18.90 2.89
C TYR C 156 -16.73 -20.01 3.79
N THR C 157 -17.53 -20.91 3.24
CA THR C 157 -18.12 -21.99 4.03
C THR C 157 -17.79 -23.37 3.49
N GLY C 158 -18.03 -24.39 4.31
CA GLY C 158 -17.74 -25.75 3.91
C GLY C 158 -16.24 -25.97 3.86
N LEU C 159 -15.52 -25.31 4.76
CA LEU C 159 -14.07 -25.40 4.80
C LEU C 159 -13.50 -26.59 5.56
N ALA C 160 -13.97 -26.81 6.78
CA ALA C 160 -13.48 -27.92 7.59
C ALA C 160 -14.37 -29.14 7.49
N THR D 1 17.48 25.52 -13.09
CA THR D 1 18.65 24.97 -13.83
C THR D 1 19.39 23.91 -13.02
N THR D 2 19.94 24.32 -11.88
CA THR D 2 20.68 23.40 -11.02
C THR D 2 20.11 23.32 -9.62
N SER D 3 19.53 22.17 -9.30
CA SER D 3 18.94 21.94 -7.99
C SER D 3 19.87 21.01 -7.22
N ALA D 4 19.52 20.71 -5.99
CA ALA D 4 20.37 19.85 -5.19
C ALA D 4 19.60 18.96 -4.23
N VAL D 5 20.19 17.80 -3.95
CA VAL D 5 19.63 16.84 -3.03
C VAL D 5 20.69 16.65 -1.94
N ASN D 6 20.27 16.66 -0.68
CA ASN D 6 21.18 16.47 0.45
C ASN D 6 20.51 15.50 1.42
N ILE D 7 21.28 14.56 1.95
CA ILE D 7 20.75 13.57 2.87
C ILE D 7 21.40 13.68 4.25
N TYR D 8 20.58 13.66 5.29
CA TYR D 8 21.05 13.76 6.68
C TYR D 8 20.46 12.65 7.55
N ASN D 9 21.26 12.16 8.49
CA ASN D 9 20.79 11.15 9.44
C ASN D 9 20.75 11.86 10.78
N ILE D 10 19.55 12.11 11.27
CA ILE D 10 19.39 12.81 12.53
C ILE D 10 19.00 11.89 13.68
N SER D 11 19.88 11.79 14.68
CA SER D 11 19.61 10.95 15.84
C SER D 11 18.76 11.76 16.82
N ALA D 12 17.93 11.07 17.59
CA ALA D 12 17.08 11.74 18.56
C ALA D 12 17.93 12.59 19.50
N GLY D 13 17.56 13.85 19.64
CA GLY D 13 18.28 14.77 20.51
C GLY D 13 19.28 15.68 19.83
N ALA D 14 19.57 15.44 18.56
CA ALA D 14 20.56 16.25 17.85
C ALA D 14 20.01 17.29 16.88
N SER D 15 20.88 18.24 16.55
CA SER D 15 20.58 19.32 15.61
C SER D 15 21.59 19.17 14.47
N VAL D 16 21.19 19.57 13.27
CA VAL D 16 22.10 19.45 12.13
C VAL D 16 22.09 20.71 11.32
N ASP D 17 23.28 21.18 10.93
CA ASP D 17 23.40 22.37 10.11
C ASP D 17 23.33 21.93 8.65
N LEU D 18 22.42 22.55 7.90
CA LEU D 18 22.23 22.21 6.50
C LEU D 18 23.37 22.68 5.60
N ALA D 19 23.79 21.81 4.68
CA ALA D 19 24.84 22.15 3.73
C ALA D 19 24.27 23.16 2.73
N ALA D 20 22.95 23.06 2.52
CA ALA D 20 22.24 23.95 1.61
C ALA D 20 20.99 24.44 2.35
N PRO D 21 20.82 25.76 2.48
CA PRO D 21 19.67 26.32 3.18
C PRO D 21 18.33 26.10 2.49
N VAL D 22 17.27 25.96 3.28
CA VAL D 22 15.94 25.76 2.73
C VAL D 22 15.16 27.08 2.74
N THR D 23 14.75 27.52 1.56
CA THR D 23 14.02 28.78 1.43
C THR D 23 12.73 28.59 0.64
N THR D 24 12.09 29.71 0.27
CA THR D 24 10.84 29.68 -0.48
C THR D 24 10.92 28.82 -1.74
N GLY D 25 10.03 27.84 -1.82
CA GLY D 25 9.99 26.95 -2.97
C GLY D 25 10.69 25.61 -2.72
N ASP D 26 11.43 25.52 -1.61
CA ASP D 26 12.15 24.29 -1.30
C ASP D 26 11.32 23.30 -0.48
N ILE D 27 11.88 22.11 -0.31
CA ILE D 27 11.20 21.04 0.40
C ILE D 27 12.10 20.27 1.35
N VAL D 28 11.52 19.78 2.45
CA VAL D 28 12.26 18.99 3.41
C VAL D 28 11.37 17.81 3.79
N THR D 29 11.90 16.59 3.69
CA THR D 29 11.12 15.41 4.05
C THR D 29 11.83 14.61 5.14
N PHE D 30 11.06 14.13 6.10
CA PHE D 30 11.55 13.33 7.21
C PHE D 30 11.04 11.89 7.08
N PHE D 31 11.94 10.91 7.24
CA PHE D 31 11.56 9.51 7.13
C PHE D 31 11.79 8.78 8.44
N SER D 32 10.75 8.12 8.93
CA SER D 32 10.85 7.34 10.16
C SER D 32 10.68 5.86 9.82
N SER D 33 11.60 5.03 10.26
CA SER D 33 11.54 3.60 9.97
C SER D 33 10.68 2.83 10.98
N ALA D 34 9.99 3.56 11.85
CA ALA D 34 9.13 2.96 12.86
C ALA D 34 7.97 3.89 13.20
N LEU D 35 6.93 3.35 13.83
CA LEU D 35 5.77 4.14 14.22
C LEU D 35 5.17 3.60 15.51
N ASN D 36 5.23 4.39 16.59
CA ASN D 36 4.71 3.96 17.88
C ASN D 36 3.57 4.84 18.39
N LEU D 37 2.33 4.45 18.09
CA LEU D 37 1.16 5.22 18.52
C LEU D 37 0.67 4.89 19.94
N SER D 38 1.42 4.05 20.64
CA SER D 38 1.07 3.69 22.01
C SER D 38 2.35 3.69 22.84
N ALA D 39 3.18 4.70 22.64
CA ALA D 39 4.47 4.82 23.33
C ALA D 39 4.40 5.38 24.75
N GLY D 40 3.30 6.04 25.09
CA GLY D 40 3.17 6.61 26.41
C GLY D 40 3.13 8.13 26.33
N ALA D 41 3.14 8.79 27.49
CA ALA D 41 3.09 10.25 27.54
C ALA D 41 4.44 10.92 27.32
N GLY D 42 4.41 12.11 26.72
CA GLY D 42 5.64 12.86 26.51
C GLY D 42 5.77 13.85 27.65
N SER D 43 6.83 14.64 27.66
CA SER D 43 7.02 15.60 28.74
C SER D 43 7.16 17.06 28.29
N PRO D 44 6.15 17.59 27.56
CA PRO D 44 4.92 16.92 27.15
C PRO D 44 4.96 16.38 25.71
N ASN D 45 6.07 16.61 25.01
CA ASN D 45 6.19 16.16 23.62
C ASN D 45 6.88 14.80 23.47
N ASN D 46 6.20 13.82 22.88
CA ASN D 46 6.83 12.53 22.68
C ASN D 46 7.97 12.72 21.68
N THR D 47 7.71 13.54 20.66
CA THR D 47 8.71 13.84 19.65
C THR D 47 8.41 15.18 19.01
N ALA D 48 9.46 15.87 18.58
CA ALA D 48 9.33 17.17 17.95
C ALA D 48 10.35 17.34 16.83
N LEU D 49 9.93 17.96 15.73
CA LEU D 49 10.80 18.22 14.60
C LEU D 49 10.82 19.73 14.45
N ASN D 50 12.01 20.31 14.40
CA ASN D 50 12.12 21.77 14.29
C ASN D 50 12.94 22.29 13.12
N LEU D 51 12.48 23.41 12.56
CA LEU D 51 13.18 24.08 11.46
C LEU D 51 13.63 25.39 12.10
N LEU D 52 14.95 25.63 12.15
CA LEU D 52 15.50 26.83 12.78
C LEU D 52 16.14 27.83 11.80
N SER D 53 16.16 29.11 12.19
CA SER D 53 16.75 30.14 11.36
C SER D 53 18.22 30.34 11.73
N GLU D 54 18.93 31.13 10.95
CA GLU D 54 20.35 31.39 11.21
C GLU D 54 20.62 31.97 12.61
N ASN D 55 19.63 32.63 13.18
CA ASN D 55 19.79 33.21 14.52
C ASN D 55 19.17 32.38 15.63
N GLY D 56 18.81 31.13 15.31
CA GLY D 56 18.23 30.26 16.31
C GLY D 56 16.74 30.34 16.54
N ALA D 57 16.03 31.08 15.70
CA ALA D 57 14.58 31.20 15.85
C ALA D 57 13.93 29.89 15.39
N TYR D 58 12.87 29.49 16.08
CA TYR D 58 12.15 28.28 15.71
C TYR D 58 11.10 28.70 14.69
N LEU D 59 11.42 28.52 13.41
CA LEU D 59 10.50 28.89 12.35
C LEU D 59 9.30 27.95 12.36
N LEU D 60 9.56 26.67 12.61
CA LEU D 60 8.47 25.71 12.68
C LEU D 60 8.81 24.61 13.67
N HIS D 61 7.95 24.51 14.67
CA HIS D 61 8.07 23.52 15.75
C HIS D 61 6.89 22.59 15.55
N ILE D 62 7.16 21.31 15.34
CA ILE D 62 6.11 20.31 15.16
C ILE D 62 6.21 19.35 16.33
N ALA D 63 5.19 19.36 17.19
CA ALA D 63 5.21 18.49 18.37
C ALA D 63 4.05 17.51 18.46
N PHE D 64 4.37 16.24 18.69
CA PHE D 64 3.38 15.20 18.81
C PHE D 64 3.18 14.85 20.28
N ARG D 65 1.94 14.98 20.76
CA ARG D 65 1.62 14.69 22.16
C ARG D 65 0.54 13.61 22.22
N LEU D 66 0.95 12.39 22.49
CA LEU D 66 0.02 11.27 22.58
C LEU D 66 -0.98 11.38 23.73
N GLN D 67 -0.48 11.74 24.91
CA GLN D 67 -1.35 11.85 26.08
C GLN D 67 -2.45 12.89 25.91
N GLU D 68 -2.21 13.85 25.03
CA GLU D 68 -3.20 14.90 24.74
C GLU D 68 -3.87 14.64 23.40
N ASN D 69 -3.44 13.58 22.73
CA ASN D 69 -3.98 13.20 21.43
C ASN D 69 -4.03 14.38 20.45
N VAL D 70 -2.91 15.09 20.33
CA VAL D 70 -2.87 16.24 19.43
C VAL D 70 -1.48 16.47 18.86
N ILE D 71 -1.44 17.23 17.77
CA ILE D 71 -0.19 17.61 17.13
C ILE D 71 -0.19 19.14 17.23
N VAL D 72 0.90 19.68 17.77
CA VAL D 72 1.03 21.12 17.95
C VAL D 72 1.99 21.72 16.93
N PHE D 73 1.66 22.93 16.47
CA PHE D 73 2.50 23.66 15.52
C PHE D 73 2.65 25.06 16.09
N ASN D 74 3.89 25.52 16.21
CA ASN D 74 4.14 26.86 16.75
C ASN D 74 5.51 27.39 16.31
N SER D 75 5.80 28.62 16.73
CA SER D 75 7.06 29.29 16.42
C SER D 75 7.50 30.11 17.63
N ARG D 76 8.74 30.56 17.62
CA ARG D 76 9.27 31.40 18.70
C ARG D 76 10.64 31.97 18.39
N GLN D 77 10.87 33.18 18.87
CA GLN D 77 12.13 33.88 18.69
C GLN D 77 13.15 33.33 19.68
N PRO D 78 14.43 33.69 19.49
CA PRO D 78 15.48 33.21 20.40
C PRO D 78 15.24 33.80 21.79
N ASN D 79 15.37 32.97 22.83
CA ASN D 79 15.20 33.42 24.20
C ASN D 79 13.88 34.16 24.45
N ALA D 80 12.82 33.75 23.75
CA ALA D 80 11.52 34.37 23.88
C ALA D 80 10.48 33.27 24.09
N PRO D 81 9.26 33.63 24.52
CA PRO D 81 8.24 32.61 24.73
C PRO D 81 7.59 32.14 23.42
N TRP D 82 6.92 30.98 23.49
CA TRP D 82 6.23 30.42 22.33
C TRP D 82 5.13 31.39 21.91
N LEU D 83 4.79 31.37 20.63
CA LEU D 83 3.76 32.25 20.10
C LEU D 83 2.39 31.58 20.01
N VAL D 84 1.57 31.98 19.04
CA VAL D 84 0.22 31.42 18.90
C VAL D 84 0.23 30.00 18.32
N GLU D 85 -0.11 29.02 19.16
CA GLU D 85 -0.10 27.64 18.71
C GLU D 85 -1.34 27.17 17.94
N GLN D 86 -1.10 26.29 16.97
CA GLN D 86 -2.16 25.72 16.17
C GLN D 86 -2.14 24.24 16.49
N ARG D 87 -3.31 23.63 16.66
CA ARG D 87 -3.33 22.21 16.96
C ARG D 87 -4.28 21.40 16.08
N VAL D 88 -3.87 20.18 15.78
CA VAL D 88 -4.66 19.26 14.97
C VAL D 88 -4.87 18.04 15.85
N SER D 89 -6.14 17.69 16.08
CA SER D 89 -6.48 16.55 16.93
C SER D 89 -6.45 15.19 16.25
N ASN D 90 -6.41 14.13 17.06
CA ASN D 90 -6.39 12.75 16.58
C ASN D 90 -5.13 12.45 15.81
N VAL D 91 -4.09 12.08 16.55
CA VAL D 91 -2.79 11.76 15.98
C VAL D 91 -2.85 10.58 15.03
N ALA D 92 -3.34 9.44 15.52
CA ALA D 92 -3.43 8.23 14.72
C ALA D 92 -4.13 8.44 13.39
N ASN D 93 -5.18 9.27 13.39
CA ASN D 93 -5.93 9.55 12.16
C ASN D 93 -5.03 10.07 11.04
N GLN D 94 -4.03 10.88 11.38
CA GLN D 94 -3.14 11.45 10.38
C GLN D 94 -2.16 10.44 9.79
N PHE D 95 -1.93 9.35 10.50
CA PHE D 95 -0.99 8.31 10.07
C PHE D 95 -1.70 7.09 9.50
N ILE D 96 -3.01 7.19 9.31
CA ILE D 96 -3.81 6.07 8.81
C ILE D 96 -3.20 5.36 7.59
N GLY D 97 -2.59 6.13 6.68
CA GLY D 97 -1.98 5.51 5.52
C GLY D 97 -0.60 4.87 5.77
N SER D 98 -0.02 5.14 6.93
CA SER D 98 1.31 4.63 7.28
C SER D 98 1.40 3.10 7.31
N GLY D 99 1.80 2.56 8.45
CA GLY D 99 1.94 1.13 8.59
C GLY D 99 3.36 0.70 8.92
N GLY D 100 3.83 1.04 10.12
CA GLY D 100 5.18 0.68 10.52
C GLY D 100 6.25 1.66 10.07
N LYS D 101 5.87 2.62 9.25
CA LYS D 101 6.81 3.63 8.75
C LYS D 101 6.01 4.89 8.50
N ALA D 102 6.70 6.02 8.28
CA ALA D 102 5.99 7.26 8.04
C ALA D 102 6.91 8.34 7.52
N MET D 103 6.34 9.33 6.85
CA MET D 103 7.13 10.44 6.34
C MET D 103 6.40 11.75 6.56
N VAL D 104 7.16 12.79 6.88
CA VAL D 104 6.61 14.11 7.13
C VAL D 104 7.31 15.05 6.16
N THR D 105 6.52 15.69 5.31
CA THR D 105 7.08 16.61 4.33
C THR D 105 6.64 18.02 4.63
N VAL D 106 7.57 18.96 4.47
CA VAL D 106 7.28 20.36 4.71
C VAL D 106 7.64 21.18 3.48
N PHE D 107 6.65 21.82 2.87
CA PHE D 107 6.89 22.70 1.71
C PHE D 107 6.99 24.13 2.25
N ASP D 108 8.02 24.86 1.85
CA ASP D 108 8.14 26.25 2.27
C ASP D 108 7.56 27.08 1.14
N HIS D 109 6.32 27.55 1.31
CA HIS D 109 5.65 28.34 0.28
C HIS D 109 5.82 29.86 0.44
N GLY D 110 6.76 30.28 1.26
CA GLY D 110 6.98 31.72 1.45
C GLY D 110 6.22 32.32 2.62
N ASP D 111 4.90 32.43 2.48
CA ASP D 111 4.08 32.99 3.54
C ASP D 111 3.52 31.89 4.45
N LYS D 112 3.58 30.65 3.96
CA LYS D 112 3.07 29.52 4.72
C LYS D 112 3.94 28.28 4.58
N TYR D 113 3.74 27.35 5.51
CA TYR D 113 4.42 26.07 5.52
C TYR D 113 3.33 25.02 5.35
N GLN D 114 3.45 24.17 4.34
CA GLN D 114 2.46 23.13 4.12
C GLN D 114 3.05 21.85 4.68
N VAL D 115 2.38 21.26 5.67
CA VAL D 115 2.86 20.03 6.28
C VAL D 115 2.00 18.84 5.83
N VAL D 116 2.66 17.80 5.33
CA VAL D 116 1.97 16.62 4.85
C VAL D 116 2.51 15.36 5.53
N ILE D 117 1.61 14.53 6.05
CA ILE D 117 2.02 13.27 6.69
C ILE D 117 1.67 12.17 5.70
N ASN D 118 2.69 11.54 5.13
CA ASN D 118 2.49 10.51 4.11
C ASN D 118 1.92 11.28 2.92
N GLU D 119 0.66 11.01 2.54
CA GLU D 119 0.06 11.73 1.42
C GLU D 119 -0.98 12.76 1.86
N LYS D 120 -1.23 12.84 3.16
CA LYS D 120 -2.25 13.75 3.69
C LYS D 120 -1.79 15.11 4.23
N THR D 121 -2.20 16.20 3.58
CA THR D 121 -1.85 17.53 4.06
C THR D 121 -2.55 17.70 5.42
N VAL D 122 -1.76 17.94 6.46
CA VAL D 122 -2.32 18.09 7.79
C VAL D 122 -2.67 19.54 8.12
N ILE D 123 -1.95 20.48 7.50
CA ILE D 123 -2.22 21.89 7.77
C ILE D 123 -1.48 22.84 6.84
N GLN D 124 -2.03 24.04 6.71
CA GLN D 124 -1.43 25.12 5.94
C GLN D 124 -1.09 26.13 7.05
N TYR D 125 0.14 26.07 7.54
CA TYR D 125 0.59 26.94 8.63
C TYR D 125 1.07 28.33 8.20
N THR D 126 0.31 29.36 8.53
CA THR D 126 0.70 30.72 8.20
C THR D 126 1.86 31.06 9.10
N LYS D 127 2.99 31.42 8.51
CA LYS D 127 4.19 31.74 9.29
C LYS D 127 3.99 32.87 10.29
N GLN D 128 4.52 32.67 11.50
CA GLN D 128 4.47 33.68 12.56
C GLN D 128 5.81 34.39 12.54
N ILE D 129 6.80 33.75 11.93
CA ILE D 129 8.15 34.27 11.79
C ILE D 129 8.66 33.84 10.41
N SER D 130 9.14 34.79 9.61
CA SER D 130 9.64 34.44 8.29
C SER D 130 11.16 34.25 8.35
N GLY D 131 11.72 33.68 7.29
CA GLY D 131 13.16 33.45 7.27
C GLY D 131 13.57 32.15 6.59
N THR D 132 14.88 31.97 6.45
CA THR D 132 15.47 30.79 5.80
C THR D 132 15.87 29.73 6.83
N THR D 133 15.54 28.47 6.56
CA THR D 133 15.89 27.38 7.45
C THR D 133 17.34 26.97 7.21
N SER D 134 18.16 27.03 8.25
CA SER D 134 19.58 26.69 8.13
C SER D 134 19.97 25.47 8.98
N SER D 135 19.06 24.99 9.81
CA SER D 135 19.34 23.81 10.63
C SER D 135 18.04 23.16 11.11
N LEU D 136 18.12 21.87 11.46
CA LEU D 136 16.95 21.13 11.92
C LEU D 136 17.30 20.27 13.12
N SER D 137 16.31 20.03 14.00
CA SER D 137 16.54 19.19 15.17
C SER D 137 15.40 18.22 15.38
N TYR D 138 15.71 17.12 16.03
CA TYR D 138 14.75 16.07 16.33
C TYR D 138 14.90 15.77 17.82
N ASN D 139 13.95 16.27 18.61
CA ASN D 139 13.96 16.09 20.05
C ASN D 139 12.86 15.12 20.50
N SER D 140 13.13 14.40 21.57
CA SER D 140 12.17 13.42 22.07
C SER D 140 12.12 13.35 23.58
N THR D 141 11.14 12.61 24.08
CA THR D 141 11.01 12.36 25.51
C THR D 141 11.53 10.93 25.61
N GLU D 142 12.60 10.75 26.38
CA GLU D 142 13.23 9.45 26.55
C GLU D 142 12.29 8.25 26.60
N GLY D 143 12.43 7.35 25.62
CA GLY D 143 11.63 6.15 25.57
C GLY D 143 10.19 6.25 25.08
N THR D 144 9.73 7.45 24.77
CA THR D 144 8.34 7.59 24.31
C THR D 144 8.18 8.20 22.92
N SER D 145 9.26 8.25 22.14
CA SER D 145 9.16 8.82 20.80
C SER D 145 8.27 7.96 19.91
N ILE D 146 7.51 8.59 19.02
CA ILE D 146 6.66 7.82 18.13
C ILE D 146 7.44 7.41 16.88
N PHE D 147 8.61 8.01 16.68
CA PHE D 147 9.45 7.68 15.53
C PHE D 147 10.66 6.84 15.93
N SER D 148 11.44 6.46 14.93
CA SER D 148 12.65 5.66 15.16
C SER D 148 13.73 6.53 15.79
N THR D 149 14.70 5.89 16.43
CA THR D 149 15.79 6.59 17.10
C THR D 149 16.52 7.51 16.12
N VAL D 150 16.67 7.05 14.90
CA VAL D 150 17.31 7.85 13.86
C VAL D 150 16.27 8.18 12.79
N VAL D 151 16.18 9.45 12.43
CA VAL D 151 15.25 9.88 11.40
C VAL D 151 16.08 10.41 10.23
N GLU D 152 15.77 9.93 9.03
CA GLU D 152 16.47 10.36 7.83
C GLU D 152 15.75 11.56 7.24
N ALA D 153 16.49 12.59 6.89
CA ALA D 153 15.90 13.79 6.29
C ALA D 153 16.55 14.07 4.95
N VAL D 154 15.72 14.47 3.99
CA VAL D 154 16.19 14.78 2.64
C VAL D 154 15.66 16.16 2.27
N THR D 155 16.53 17.00 1.72
CA THR D 155 16.10 18.34 1.30
C THR D 155 16.32 18.49 -0.20
N TYR D 156 15.37 19.15 -0.85
CA TYR D 156 15.42 19.44 -2.27
C TYR D 156 15.49 20.96 -2.29
N THR D 157 16.66 21.51 -2.64
CA THR D 157 16.84 22.95 -2.66
C THR D 157 17.22 23.46 -4.04
N GLY D 158 17.13 24.77 -4.23
CA GLY D 158 17.46 25.37 -5.51
C GLY D 158 16.40 25.08 -6.56
N LEU D 159 15.16 24.92 -6.10
CA LEU D 159 14.04 24.64 -6.99
C LEU D 159 13.55 25.85 -7.76
N ALA D 160 12.90 26.78 -7.07
CA ALA D 160 12.38 28.00 -7.70
C ALA D 160 13.46 28.78 -8.43
S SO4 E . 18.84 -0.66 -23.19
O1 SO4 E . 19.97 -1.26 -22.45
O2 SO4 E . 17.62 -0.80 -22.40
O3 SO4 E . 19.12 0.77 -23.43
O4 SO4 E . 18.68 -1.34 -24.49
S SO4 F . -0.89 -19.96 -21.84
O1 SO4 F . -0.31 -19.16 -20.76
O2 SO4 F . -1.44 -21.21 -21.29
O3 SO4 F . -1.96 -19.19 -22.51
O4 SO4 F . 0.17 -20.28 -22.82
S SO4 G . -23.80 -0.70 21.70
O1 SO4 G . -23.11 -1.92 22.14
O2 SO4 G . -24.95 -0.44 22.59
O3 SO4 G . -22.87 0.44 21.75
O4 SO4 G . -24.29 -0.87 20.31
S SO4 H . -27.96 -22.98 16.58
O1 SO4 H . -26.97 -23.35 17.61
O2 SO4 H . -29.20 -23.72 16.82
O3 SO4 H . -28.22 -21.53 16.65
O4 SO4 H . -27.44 -23.32 15.24
#